data_6CW1
#
_entry.id   6CW1
#
_cell.length_a   87.144
_cell.length_b   62.901
_cell.length_c   113.061
_cell.angle_alpha   90.000
_cell.angle_beta   97.100
_cell.angle_gamma   90.000
#
_symmetry.space_group_name_H-M   'P 1 21 1'
#
loop_
_entity.id
_entity.type
_entity.pdbx_description
1 polymer Neurexin-1
2 water water
#
_entity_poly.entity_id   1
_entity_poly.type   'polypeptide(L)'
_entity_poly.pdbx_seq_one_letter_code
;EDNNVEGLAHLMMGDQGKSKGKEEYIATFKGSEYFCYDLSQNPIQSSSDEITLSFKTLQRNGLMLHTGKSADYVNLALKN
GAVSLVINLGSGAFEALVEPVNGKFNDNAWHDVKVTRNLRQVTISVDGILTTTGYTQEDYTMLGSDDFFYVGGSPSTADL
PGSPVSNNFMGCLKEVVYKNNDVRLELSRLAKQGDPKMKIHGVVAFKCENVATLDPITFETPESFISLPKWNAKKTGSIS
FDFRTTEPNGLILFSHGKPRHQKDAKHPQMIKVDFFAIEMLDGHLYLLLDMGSGTIKIKALQKKVNDGEWYHVDFQRDGR
SGTISVNTLRTPYTAPGESEILDLDDELYLGGLPENKAGLVFPTEVWTALLNYGYVGCIRDLFIDGQSKDIRQMAEVQST
AG
;
_entity_poly.pdbx_strand_id   A,B
#
# COMPACT_ATOMS: atom_id res chain seq x y z
N LYS A 22 12.45 7.42 28.91
CA LYS A 22 12.44 7.84 27.46
C LYS A 22 11.04 8.25 27.02
N GLU A 23 10.97 9.41 26.38
CA GLU A 23 9.80 9.87 25.65
C GLU A 23 10.25 9.98 24.20
N GLU A 24 9.33 10.25 23.31
CA GLU A 24 9.68 10.35 21.87
C GLU A 24 10.64 11.50 21.56
N TYR A 25 11.61 11.26 20.67
CA TYR A 25 12.58 12.30 20.30
C TYR A 25 12.27 12.92 18.96
N ILE A 26 12.01 14.22 18.97
CA ILE A 26 11.46 14.89 17.80
C ILE A 26 12.41 16.01 17.41
N ALA A 27 12.35 16.43 16.16
CA ALA A 27 12.95 17.69 15.76
C ALA A 27 12.14 18.33 14.63
N THR A 28 12.36 19.63 14.45
CA THR A 28 11.78 20.41 13.38
C THR A 28 12.86 20.86 12.43
N PHE A 29 12.60 20.73 11.13
CA PHE A 29 13.56 21.06 10.08
C PHE A 29 12.93 22.12 9.21
N LYS A 30 13.66 23.17 8.87
CA LYS A 30 13.07 24.37 8.28
C LYS A 30 13.66 24.64 6.89
N GLY A 31 14.38 23.67 6.33
CA GLY A 31 14.93 23.81 5.00
C GLY A 31 16.43 23.89 4.99
N SER A 32 17.02 24.42 6.06
CA SER A 32 18.48 24.49 6.19
C SER A 32 19.00 23.76 7.43
N GLU A 33 18.27 22.74 7.88
CA GLU A 33 18.58 22.04 9.11
C GLU A 33 18.94 20.63 8.75
N TYR A 34 20.02 20.13 9.33
CA TYR A 34 20.31 18.72 9.22
C TYR A 34 21.12 18.17 10.39
N PHE A 35 20.99 16.86 10.62
CA PHE A 35 21.94 16.10 11.46
C PHE A 35 22.95 15.41 10.57
N CYS A 36 24.13 15.18 11.14
CA CYS A 36 25.24 14.53 10.48
C CYS A 36 25.88 13.62 11.50
N TYR A 37 25.98 12.32 11.23
CA TYR A 37 26.67 11.39 12.10
C TYR A 37 27.89 10.82 11.40
N ASP A 38 29.04 10.92 12.03
CA ASP A 38 30.30 10.44 11.44
C ASP A 38 30.41 8.92 11.56
N LEU A 39 30.67 8.27 10.42
CA LEU A 39 30.76 6.82 10.34
C LEU A 39 32.18 6.27 10.17
N SER A 40 33.19 7.14 10.31
CA SER A 40 34.57 6.74 10.02
C SER A 40 35.11 5.76 11.04
N GLN A 41 34.86 6.00 12.32
CA GLN A 41 35.43 5.14 13.36
C GLN A 41 34.70 3.81 13.38
N ASN A 42 33.37 3.84 13.24
CA ASN A 42 32.57 2.61 13.22
C ASN A 42 31.71 2.54 11.95
N PRO A 43 32.32 2.24 10.79
CA PRO A 43 31.56 2.26 9.54
C PRO A 43 30.60 1.11 9.45
N ILE A 44 29.74 1.16 8.44
CA ILE A 44 28.70 0.17 8.24
C ILE A 44 29.17 -0.80 7.15
N GLN A 45 29.22 -2.08 7.51
CA GLN A 45 29.32 -3.20 6.58
C GLN A 45 28.25 -4.21 6.95
N SER A 46 27.08 -4.12 6.35
CA SER A 46 25.97 -4.98 6.76
C SER A 46 25.39 -5.75 5.61
N SER A 47 24.82 -6.90 5.94
CA SER A 47 23.97 -7.70 5.04
C SER A 47 22.46 -7.55 5.37
N SER A 48 22.14 -7.05 6.56
CA SER A 48 20.78 -6.79 7.00
C SER A 48 20.68 -5.39 7.62
N ASP A 49 19.61 -4.67 7.36
CA ASP A 49 19.39 -3.30 7.84
C ASP A 49 17.92 -3.12 8.22
N GLU A 50 17.67 -2.22 9.16
CA GLU A 50 16.36 -1.62 9.31
C GLU A 50 16.43 -0.08 9.55
N ILE A 51 15.51 0.65 8.92
CA ILE A 51 15.34 2.09 9.16
C ILE A 51 13.89 2.36 9.54
N THR A 52 13.67 3.04 10.67
CA THR A 52 12.32 3.47 11.00
C THR A 52 12.27 4.93 11.37
N LEU A 53 11.16 5.58 11.08
CA LEU A 53 10.92 6.91 11.55
C LEU A 53 9.49 7.25 11.30
N SER A 54 9.09 8.42 11.82
CA SER A 54 7.83 9.03 11.41
C SER A 54 8.07 10.46 11.00
N PHE A 55 7.38 10.89 9.95
CA PHE A 55 7.48 12.24 9.44
C PHE A 55 6.13 12.93 9.38
N LYS A 56 6.19 14.26 9.43
CA LYS A 56 5.03 15.16 9.30
C LYS A 56 5.47 16.34 8.44
N THR A 57 4.70 16.67 7.41
CA THR A 57 5.11 17.72 6.47
C THR A 57 4.01 18.22 5.59
N LEU A 58 4.30 19.35 4.95
CA LEU A 58 3.46 19.99 3.95
C LEU A 58 4.19 20.20 2.61
N GLN A 59 5.49 19.84 2.54
CA GLN A 59 6.28 20.04 1.35
C GLN A 59 6.28 18.75 0.58
N ARG A 60 6.21 18.89 -0.73
CA ARG A 60 6.22 17.78 -1.62
C ARG A 60 7.55 17.12 -1.65
N ASN A 61 8.63 17.85 -1.48
CA ASN A 61 9.97 17.29 -1.59
C ASN A 61 10.84 17.66 -0.41
N GLY A 62 11.51 16.65 0.17
CA GLY A 62 12.57 16.87 1.17
C GLY A 62 13.26 15.58 1.46
N LEU A 63 14.59 15.62 1.53
CA LEU A 63 15.38 14.52 2.08
C LEU A 63 15.00 14.19 3.51
N MET A 64 14.79 12.90 3.80
CA MET A 64 14.54 12.43 5.16
C MET A 64 15.82 11.94 5.81
N LEU A 65 16.51 11.03 5.13
CA LEU A 65 17.85 10.66 5.50
C LEU A 65 18.59 10.08 4.33
N HIS A 66 19.93 10.10 4.43
CA HIS A 66 20.80 9.55 3.43
C HIS A 66 22.06 9.03 4.09
N THR A 67 22.72 8.02 3.47
CA THR A 67 23.96 7.54 4.03
C THR A 67 25.15 7.13 3.21
N GLY A 68 25.08 7.02 1.90
CA GLY A 68 26.28 6.63 1.17
C GLY A 68 26.95 7.77 0.44
N LYS A 69 28.24 7.64 0.14
CA LYS A 69 29.00 8.67 -0.59
C LYS A 69 29.31 8.33 -2.07
N SER A 70 29.54 7.06 -2.39
CA SER A 70 29.92 6.70 -3.75
C SER A 70 29.14 5.50 -4.29
N ALA A 71 29.71 4.30 -4.21
CA ALA A 71 29.11 3.09 -4.82
C ALA A 71 27.83 2.59 -4.12
N ASP A 72 27.90 2.52 -2.78
CA ASP A 72 26.80 2.05 -1.94
C ASP A 72 26.08 3.20 -1.30
N TYR A 73 24.75 3.18 -1.23
CA TYR A 73 24.03 4.27 -0.58
C TYR A 73 22.59 3.93 -0.22
N VAL A 74 22.02 4.69 0.71
CA VAL A 74 20.59 4.65 1.01
C VAL A 74 20.05 6.08 1.04
N ASN A 75 18.90 6.30 0.43
CA ASN A 75 18.31 7.60 0.39
C ASN A 75 16.82 7.43 0.55
N LEU A 76 16.27 8.09 1.56
CA LEU A 76 14.85 8.06 1.82
C LEU A 76 14.41 9.50 1.82
N ALA A 77 13.39 9.79 1.03
CA ALA A 77 13.01 11.17 0.76
C ALA A 77 11.53 11.24 0.49
N LEU A 78 10.98 12.44 0.52
CA LEU A 78 9.66 12.67 -0.10
C LEU A 78 9.78 13.28 -1.49
N LYS A 79 9.13 12.66 -2.48
CA LYS A 79 9.14 13.20 -3.86
C LYS A 79 7.71 13.26 -4.41
N ASN A 80 7.26 14.47 -4.72
CA ASN A 80 5.93 14.66 -5.20
C ASN A 80 4.90 13.97 -4.30
N GLY A 81 5.04 14.16 -2.99
CA GLY A 81 4.10 13.60 -2.03
C GLY A 81 4.23 12.11 -1.76
N ALA A 82 5.13 11.45 -2.45
CA ALA A 82 5.35 10.03 -2.27
C ALA A 82 6.61 9.80 -1.44
N VAL A 83 6.63 8.71 -0.69
CA VAL A 83 7.88 8.32 -0.02
C VAL A 83 8.74 7.55 -1.01
N SER A 84 10.00 7.95 -1.12
CA SER A 84 10.90 7.42 -2.14
C SER A 84 12.06 6.81 -1.43
N LEU A 85 12.33 5.56 -1.78
CA LEU A 85 13.45 4.83 -1.18
C LEU A 85 14.35 4.32 -2.27
N VAL A 86 15.64 4.58 -2.14
CA VAL A 86 16.65 4.12 -3.07
C VAL A 86 17.75 3.47 -2.26
N ILE A 87 18.15 2.27 -2.63
CA ILE A 87 19.23 1.55 -1.99
C ILE A 87 20.08 0.89 -3.07
N ASN A 88 21.37 1.18 -3.10
CA ASN A 88 22.26 0.53 -4.03
C ASN A 88 23.39 -0.04 -3.21
N LEU A 89 23.77 -1.27 -3.52
CA LEU A 89 24.88 -1.95 -2.85
C LEU A 89 26.13 -2.06 -3.70
N GLY A 90 26.20 -1.31 -4.81
CA GLY A 90 27.37 -1.28 -5.68
C GLY A 90 27.12 -1.91 -7.05
N SER A 91 26.28 -2.95 -7.09
CA SER A 91 25.99 -3.70 -8.33
C SER A 91 24.75 -3.13 -9.07
N GLY A 92 24.02 -2.24 -8.42
CA GLY A 92 22.88 -1.55 -9.06
C GLY A 92 21.81 -1.25 -8.02
N ALA A 93 20.93 -0.31 -8.35
CA ALA A 93 20.02 0.25 -7.34
C ALA A 93 18.61 -0.42 -7.29
N PHE A 94 18.00 -0.32 -6.10
CA PHE A 94 16.56 -0.47 -5.89
C PHE A 94 15.97 0.91 -5.75
N GLU A 95 14.81 1.16 -6.32
CA GLU A 95 14.18 2.46 -6.23
C GLU A 95 12.67 2.25 -6.26
N ALA A 96 11.95 2.90 -5.36
CA ALA A 96 10.51 2.70 -5.27
C ALA A 96 9.84 3.89 -4.63
N LEU A 97 8.66 4.24 -5.12
CA LEU A 97 7.87 5.30 -4.56
C LEU A 97 6.50 4.76 -4.15
N VAL A 98 6.09 5.15 -2.96
CA VAL A 98 4.89 4.64 -2.33
C VAL A 98 4.05 5.87 -2.05
N GLU A 99 2.82 5.83 -2.53
CA GLU A 99 1.94 6.95 -2.32
C GLU A 99 0.50 6.50 -2.36
N PRO A 100 -0.36 7.18 -1.59
CA PRO A 100 -1.75 6.73 -1.61
C PRO A 100 -2.38 6.96 -2.98
N VAL A 101 -3.24 6.04 -3.40
CA VAL A 101 -4.01 6.20 -4.61
C VAL A 101 -4.79 7.49 -4.45
N ASN A 102 -5.36 7.63 -3.25
CA ASN A 102 -6.23 8.76 -2.90
C ASN A 102 -5.41 9.82 -2.17
N GLY A 103 -4.72 10.67 -2.94
CA GLY A 103 -3.97 11.82 -2.40
C GLY A 103 -2.46 11.62 -2.21
N LYS A 104 -1.90 12.25 -1.18
CA LYS A 104 -0.44 12.30 -0.95
C LYS A 104 -0.08 12.16 0.54
N PHE A 105 1.21 12.08 0.84
CA PHE A 105 1.68 12.05 2.23
C PHE A 105 2.09 13.44 2.86
N ASN A 106 2.15 14.49 2.05
CA ASN A 106 2.36 15.83 2.59
C ASN A 106 1.07 16.53 2.94
N ASP A 107 0.47 16.04 4.02
CA ASP A 107 -0.83 16.49 4.49
C ASP A 107 -0.84 16.86 5.99
N ASN A 108 0.30 17.29 6.51
CA ASN A 108 0.40 17.76 7.91
C ASN A 108 -0.10 16.67 8.90
N ALA A 109 0.13 15.42 8.55
CA ALA A 109 -0.20 14.27 9.38
C ALA A 109 1.04 13.37 9.57
N TRP A 110 1.15 12.76 10.74
CA TRP A 110 2.20 11.80 11.01
C TRP A 110 2.05 10.56 10.15
N HIS A 111 3.18 10.10 9.65
CA HIS A 111 3.24 8.88 8.94
C HIS A 111 4.48 8.16 9.38
N ASP A 112 4.38 6.86 9.66
CA ASP A 112 5.53 6.02 10.00
C ASP A 112 6.00 5.30 8.80
N VAL A 113 7.30 5.17 8.68
CA VAL A 113 7.88 4.45 7.57
C VAL A 113 8.77 3.37 8.16
N LYS A 114 8.65 2.15 7.68
CA LYS A 114 9.54 1.08 8.09
C LYS A 114 10.21 0.51 6.86
N VAL A 115 11.53 0.40 6.90
CA VAL A 115 12.34 -0.10 5.78
C VAL A 115 13.23 -1.21 6.30
N THR A 116 13.22 -2.35 5.61
CA THR A 116 14.09 -3.48 5.93
C THR A 116 14.87 -3.87 4.71
N ARG A 117 16.07 -4.36 4.93
CA ARG A 117 16.89 -4.89 3.86
C ARG A 117 17.60 -6.15 4.32
N ASN A 118 17.50 -7.24 3.56
CA ASN A 118 18.18 -8.49 3.85
C ASN A 118 18.86 -8.94 2.58
N LEU A 119 20.18 -8.85 2.56
CA LEU A 119 20.93 -9.06 1.34
C LEU A 119 20.35 -8.17 0.27
N ARG A 120 19.81 -8.75 -0.79
CA ARG A 120 19.34 -7.96 -1.94
C ARG A 120 17.87 -7.58 -1.87
N GLN A 121 17.13 -8.13 -0.91
CA GLN A 121 15.73 -7.87 -0.84
C GLN A 121 15.49 -6.66 0.05
N VAL A 122 14.62 -5.65 -0.48
CA VAL A 122 14.23 -4.48 0.25
C VAL A 122 12.75 -4.51 0.46
N THR A 123 12.29 -3.97 1.58
CA THR A 123 10.88 -3.90 1.87
C THR A 123 10.62 -2.55 2.42
N ILE A 124 9.50 -1.94 2.06
CA ILE A 124 9.11 -0.68 2.68
C ILE A 124 7.64 -0.68 2.98
N SER A 125 7.31 -0.39 4.25
CA SER A 125 5.93 -0.32 4.72
C SER A 125 5.67 1.10 5.14
N VAL A 126 4.53 1.64 4.73
CA VAL A 126 4.09 2.96 5.17
C VAL A 126 2.78 2.89 5.92
N ASP A 127 2.80 3.42 7.13
CA ASP A 127 1.62 3.45 8.01
C ASP A 127 1.03 2.07 8.30
N GLY A 128 1.90 1.07 8.39
CA GLY A 128 1.47 -0.33 8.54
C GLY A 128 0.25 -0.64 7.69
N ILE A 129 0.23 -0.14 6.45
CA ILE A 129 -0.92 -0.31 5.55
C ILE A 129 -0.59 -1.43 4.56
N LEU A 130 0.34 -1.18 3.63
CA LEU A 130 0.86 -2.23 2.74
C LEU A 130 2.37 -2.31 2.88
N THR A 131 2.92 -3.40 2.34
CA THR A 131 4.33 -3.58 2.22
C THR A 131 4.68 -3.78 0.76
N THR A 132 5.72 -3.10 0.31
CA THR A 132 6.21 -3.23 -1.05
C THR A 132 7.57 -3.88 -0.92
N THR A 133 7.82 -4.92 -1.71
CA THR A 133 9.08 -5.64 -1.65
C THR A 133 9.74 -5.65 -3.04
N GLY A 134 11.04 -5.39 -3.10
CA GLY A 134 11.76 -5.47 -4.36
C GLY A 134 13.20 -5.85 -4.09
N TYR A 135 14.07 -5.66 -5.06
CA TYR A 135 15.42 -6.16 -4.95
C TYR A 135 16.43 -5.17 -5.51
N THR A 136 17.67 -5.24 -5.02
CA THR A 136 18.79 -4.58 -5.65
C THR A 136 19.36 -5.43 -6.78
N GLN A 137 20.08 -4.80 -7.69
CA GLN A 137 20.49 -5.43 -8.95
C GLN A 137 21.80 -6.23 -8.83
N GLU A 138 22.10 -6.98 -9.90
CA GLU A 138 23.33 -7.78 -10.07
C GLU A 138 23.63 -8.63 -8.84
N ASP A 139 24.87 -8.63 -8.33
CA ASP A 139 25.28 -9.67 -7.37
C ASP A 139 25.52 -9.17 -5.94
N TYR A 140 25.77 -7.88 -5.72
CA TYR A 140 26.29 -7.41 -4.44
C TYR A 140 25.24 -7.43 -3.37
N THR A 141 25.68 -7.78 -2.18
CA THR A 141 24.83 -8.21 -1.08
C THR A 141 25.01 -7.39 0.21
N MET A 142 26.04 -6.55 0.23
CA MET A 142 26.43 -5.84 1.43
C MET A 142 26.40 -4.32 1.19
N LEU A 143 25.79 -3.62 2.16
CA LEU A 143 25.86 -2.16 2.23
C LEU A 143 27.07 -1.68 3.00
N GLY A 144 27.89 -0.88 2.33
CA GLY A 144 29.08 -0.24 2.92
C GLY A 144 28.94 1.28 2.95
N SER A 145 29.03 1.88 4.14
CA SER A 145 29.16 3.35 4.26
C SER A 145 30.03 3.74 5.43
N ASP A 146 31.07 4.49 5.11
CA ASP A 146 32.07 4.95 6.08
C ASP A 146 32.11 6.49 6.18
N ASP A 147 31.07 7.16 5.71
CA ASP A 147 31.11 8.58 5.46
C ASP A 147 30.27 9.31 6.51
N PHE A 148 29.05 9.68 6.15
CA PHE A 148 28.13 10.37 7.04
C PHE A 148 26.74 9.73 6.96
N PHE A 149 26.00 9.86 8.06
CA PHE A 149 24.61 9.57 8.07
C PHE A 149 23.86 10.87 8.27
N TYR A 150 23.29 11.41 7.18
CA TYR A 150 22.54 12.66 7.23
C TYR A 150 21.08 12.41 7.58
N VAL A 151 20.51 13.22 8.45
CA VAL A 151 19.08 13.19 8.72
C VAL A 151 18.51 14.58 8.48
N GLY A 152 17.45 14.65 7.69
CA GLY A 152 16.75 15.90 7.44
C GLY A 152 17.34 16.80 6.36
N GLY A 153 18.57 16.55 5.94
CA GLY A 153 19.19 17.40 4.92
C GLY A 153 20.67 17.13 4.86
N SER A 154 21.40 17.95 4.12
CA SER A 154 22.85 17.83 4.04
C SER A 154 23.33 19.11 3.44
N PRO A 155 24.65 19.28 3.36
CA PRO A 155 25.12 20.58 2.82
C PRO A 155 24.73 20.76 1.34
N SER A 156 24.83 19.70 0.53
CA SER A 156 24.23 19.73 -0.80
C SER A 156 23.48 18.42 -1.07
N THR A 157 22.19 18.46 -0.82
CA THR A 157 21.33 17.32 -1.00
C THR A 157 21.30 16.79 -2.45
N ALA A 158 21.27 17.72 -3.41
CA ALA A 158 21.13 17.36 -4.83
C ALA A 158 22.31 16.54 -5.35
N ASP A 159 23.51 16.71 -4.76
CA ASP A 159 24.68 15.86 -5.12
C ASP A 159 24.72 14.47 -4.45
N LEU A 160 23.74 14.14 -3.61
CA LEU A 160 23.78 12.86 -2.90
C LEU A 160 23.40 11.76 -3.87
N PRO A 161 24.21 10.69 -3.93
CA PRO A 161 23.93 9.64 -4.94
C PRO A 161 22.60 8.95 -4.69
N GLY A 162 21.83 8.75 -5.74
CA GLY A 162 20.49 8.22 -5.61
C GLY A 162 19.42 9.19 -5.12
N SER A 163 19.77 10.45 -4.88
CA SER A 163 18.79 11.43 -4.38
C SER A 163 17.90 11.89 -5.52
N PRO A 164 16.57 11.84 -5.33
CA PRO A 164 15.67 12.43 -6.30
C PRO A 164 15.29 13.88 -5.96
N VAL A 165 15.91 14.47 -4.94
CA VAL A 165 15.50 15.79 -4.48
C VAL A 165 16.69 16.67 -4.21
N SER A 166 16.46 17.97 -4.28
CA SER A 166 17.49 18.97 -3.97
C SER A 166 17.20 19.61 -2.61
N ASN A 167 15.96 19.48 -2.14
CA ASN A 167 15.48 20.13 -0.95
C ASN A 167 15.78 19.29 0.27
N ASN A 168 15.95 19.99 1.38
CA ASN A 168 16.13 19.42 2.67
C ASN A 168 14.77 19.39 3.27
N PHE A 169 14.62 18.62 4.35
CA PHE A 169 13.34 18.46 4.95
C PHE A 169 12.78 19.75 5.53
N MET A 170 11.46 19.87 5.41
CA MET A 170 10.68 20.97 5.93
C MET A 170 9.47 20.36 6.62
N GLY A 171 9.63 20.11 7.91
CA GLY A 171 8.61 19.48 8.70
C GLY A 171 9.22 18.84 9.92
N CYS A 172 8.50 17.90 10.52
CA CYS A 172 8.97 17.27 11.71
C CYS A 172 9.38 15.83 11.47
N LEU A 173 10.51 15.45 12.06
CA LEU A 173 10.91 14.08 12.03
C LEU A 173 11.09 13.60 13.45
N LYS A 174 10.56 12.44 13.79
CA LYS A 174 10.87 11.81 15.06
C LYS A 174 11.28 10.37 14.89
N GLU A 175 11.89 9.91 15.97
CA GLU A 175 12.19 8.50 16.19
C GLU A 175 12.94 7.87 15.04
N VAL A 176 13.89 8.61 14.52
CA VAL A 176 14.72 8.13 13.46
C VAL A 176 15.67 7.13 14.05
N VAL A 177 15.61 5.92 13.53
CA VAL A 177 16.47 4.87 14.02
C VAL A 177 17.00 4.06 12.84
N TYR A 178 18.31 3.83 12.81
CA TYR A 178 18.90 2.91 11.86
C TYR A 178 19.56 1.81 12.67
N LYS A 179 19.18 0.55 12.43
CA LYS A 179 19.88 -0.58 13.07
C LYS A 179 20.33 -1.63 12.05
N ASN A 180 21.39 -2.34 12.41
CA ASN A 180 21.75 -3.57 11.75
C ASN A 180 22.21 -4.59 12.79
N ASN A 181 22.84 -5.68 12.35
CA ASN A 181 23.21 -6.78 13.26
C ASN A 181 24.18 -6.33 14.33
N ASP A 182 24.99 -5.32 14.02
CA ASP A 182 26.05 -4.85 14.92
C ASP A 182 25.67 -3.55 15.64
N VAL A 183 25.15 -2.57 14.90
CA VAL A 183 24.95 -1.22 15.44
C VAL A 183 23.47 -0.83 15.46
N ARG A 184 23.11 -0.04 16.47
CA ARG A 184 21.83 0.65 16.52
C ARG A 184 22.10 2.15 16.77
N LEU A 185 21.79 2.99 15.77
CA LEU A 185 21.99 4.42 15.86
C LEU A 185 20.65 5.07 16.08
N GLU A 186 20.43 5.62 17.29
CA GLU A 186 19.18 6.31 17.61
C GLU A 186 19.29 7.78 17.27
N LEU A 187 19.23 8.09 15.99
CA LEU A 187 19.80 9.34 15.49
C LEU A 187 19.10 10.62 16.04
N SER A 188 17.77 10.55 16.20
CA SER A 188 17.04 11.57 16.91
C SER A 188 17.53 11.81 18.30
N ARG A 189 17.70 10.74 19.05
CA ARG A 189 18.28 10.77 20.36
C ARG A 189 19.67 11.37 20.40
N LEU A 190 20.57 10.84 19.59
CA LEU A 190 21.94 11.37 19.59
C LEU A 190 21.95 12.86 19.27
N ALA A 191 21.01 13.31 18.45
CA ALA A 191 20.89 14.71 18.10
C ALA A 191 20.57 15.52 19.34
N LYS A 192 19.50 15.15 20.05
CA LYS A 192 19.10 15.91 21.22
C LYS A 192 20.17 15.86 22.30
N GLN A 193 20.56 14.66 22.65
CA GLN A 193 21.44 14.42 23.79
C GLN A 193 22.92 14.73 23.51
N GLY A 194 23.37 14.54 22.28
CA GLY A 194 24.72 14.93 21.91
C GLY A 194 25.67 13.75 21.94
N ASP A 195 26.59 13.69 20.99
CA ASP A 195 27.57 12.62 20.92
C ASP A 195 28.81 13.18 20.17
N PRO A 196 30.05 12.78 20.57
CA PRO A 196 31.23 13.23 19.82
C PRO A 196 31.13 13.03 18.31
N LYS A 197 30.34 12.05 17.83
CA LYS A 197 30.27 11.78 16.41
C LYS A 197 29.09 12.49 15.72
N MET A 198 28.25 13.20 16.47
CA MET A 198 27.04 13.84 15.91
C MET A 198 27.16 15.35 15.89
N LYS A 199 26.99 15.95 14.72
CA LYS A 199 26.99 17.40 14.54
C LYS A 199 25.68 17.80 13.92
N ILE A 200 25.03 18.82 14.49
CA ILE A 200 23.79 19.29 13.95
C ILE A 200 23.85 20.76 13.58
N HIS A 201 23.12 21.12 12.52
CA HIS A 201 23.27 22.42 11.82
C HIS A 201 21.94 23.13 11.56
N GLY A 202 21.89 24.45 11.84
CA GLY A 202 20.74 25.31 11.50
C GLY A 202 19.82 25.64 12.67
N VAL A 203 18.54 25.86 12.35
CA VAL A 203 17.62 26.31 13.36
C VAL A 203 16.77 25.12 13.79
N VAL A 204 17.28 24.40 14.74
CA VAL A 204 16.64 23.17 15.11
C VAL A 204 16.04 23.27 16.48
N ALA A 205 14.73 23.09 16.56
CA ALA A 205 14.09 22.88 17.88
C ALA A 205 13.69 21.42 18.04
N PHE A 206 13.87 20.87 19.23
CA PHE A 206 13.60 19.46 19.43
C PHE A 206 12.13 19.24 19.81
N LYS A 207 11.21 19.58 18.90
CA LYS A 207 9.78 19.71 19.22
C LYS A 207 9.05 19.93 17.91
N CYS A 208 7.78 19.56 17.87
CA CYS A 208 6.94 19.78 16.68
C CYS A 208 5.76 20.52 17.16
N GLU A 209 5.57 21.73 16.65
CA GLU A 209 4.39 22.50 16.98
C GLU A 209 3.52 22.62 15.73
N ASN A 210 3.85 23.53 14.82
CA ASN A 210 3.03 23.69 13.65
C ASN A 210 3.93 23.78 12.45
N VAL A 211 3.64 22.91 11.49
CA VAL A 211 4.41 22.81 10.27
C VAL A 211 4.06 23.94 9.33
N ALA A 212 2.80 24.41 9.42
CA ALA A 212 2.32 25.51 8.60
C ALA A 212 3.17 26.78 8.77
N THR A 213 3.68 27.00 9.98
CA THR A 213 4.42 28.21 10.32
C THR A 213 5.85 28.25 9.80
N LEU A 214 6.35 27.17 9.20
CA LEU A 214 7.73 27.15 8.68
C LEU A 214 7.87 27.97 7.41
N ASP A 215 6.73 28.27 6.77
CA ASP A 215 6.70 28.96 5.49
C ASP A 215 6.99 30.44 5.74
N PRO A 216 8.07 30.96 5.15
CA PRO A 216 8.39 32.34 5.48
C PRO A 216 7.39 33.32 4.90
N ILE A 217 7.49 34.55 5.37
CA ILE A 217 6.64 35.66 4.96
C ILE A 217 7.59 36.74 4.50
N THR A 218 7.36 37.28 3.31
CA THR A 218 8.27 38.26 2.75
C THR A 218 7.70 39.67 2.81
N PHE A 219 8.46 40.59 3.39
CA PHE A 219 8.14 42.01 3.40
C PHE A 219 8.93 42.62 2.27
N GLU A 220 8.24 42.82 1.16
CA GLU A 220 8.89 43.08 -0.13
C GLU A 220 9.29 44.54 -0.25
N THR A 221 8.59 45.42 0.45
CA THR A 221 8.90 46.85 0.47
C THR A 221 8.96 47.34 1.92
N PRO A 222 9.66 48.47 2.19
CA PRO A 222 9.64 49.05 3.54
C PRO A 222 8.26 49.27 4.13
N GLU A 223 7.31 49.71 3.32
CA GLU A 223 5.98 50.00 3.84
C GLU A 223 5.16 48.78 4.30
N SER A 224 5.52 47.57 3.91
CA SER A 224 4.71 46.39 4.26
C SER A 224 4.92 45.94 5.71
N PHE A 225 3.80 45.54 6.32
CA PHE A 225 3.78 45.20 7.71
C PHE A 225 2.47 44.50 8.07
N ILE A 226 2.50 43.80 9.19
CA ILE A 226 1.33 43.12 9.72
C ILE A 226 1.13 43.61 11.15
N SER A 227 -0.12 43.60 11.61
CA SER A 227 -0.45 43.91 12.99
C SER A 227 -0.90 42.65 13.73
N LEU A 228 -0.09 42.17 14.66
CA LEU A 228 -0.34 40.93 15.38
C LEU A 228 -1.29 41.19 16.55
N PRO A 229 -1.49 40.19 17.45
CA PRO A 229 -2.34 40.47 18.61
C PRO A 229 -1.51 41.03 19.79
N LYS A 230 -2.15 41.88 20.61
CA LYS A 230 -1.58 42.42 21.85
C LYS A 230 -0.91 41.33 22.69
N TRP A 231 0.13 41.73 23.39
CA TRP A 231 0.85 40.80 24.23
C TRP A 231 0.04 40.33 25.46
N ASN A 232 0.10 39.04 25.76
CA ASN A 232 -0.80 38.39 26.73
C ASN A 232 -0.79 38.93 28.16
N ALA A 233 0.37 39.29 28.70
CA ALA A 233 0.43 39.82 30.08
C ALA A 233 1.42 40.97 30.21
N LYS A 234 1.19 41.79 31.21
CA LYS A 234 2.04 42.91 31.49
C LYS A 234 3.34 42.51 32.20
N LYS A 235 3.25 41.57 33.14
CA LYS A 235 4.39 41.21 34.00
C LYS A 235 5.43 40.31 33.34
N THR A 236 5.01 39.38 32.48
CA THR A 236 5.98 38.49 31.81
C THR A 236 5.60 38.26 30.36
N GLY A 237 6.59 37.97 29.54
CA GLY A 237 6.30 37.61 28.18
C GLY A 237 7.50 36.99 27.50
N SER A 238 7.25 36.30 26.38
CA SER A 238 8.34 35.90 25.51
C SER A 238 7.93 36.09 24.06
N ILE A 239 8.90 36.27 23.20
CA ILE A 239 8.63 36.34 21.79
C ILE A 239 9.85 35.78 21.07
N SER A 240 9.65 34.87 20.11
CA SER A 240 10.76 34.36 19.32
C SER A 240 10.34 34.14 17.89
N PHE A 241 11.31 34.18 16.99
CA PHE A 241 11.06 34.18 15.60
C PHE A 241 12.37 34.04 14.84
N ASP A 242 12.30 33.71 13.57
CA ASP A 242 13.49 33.66 12.72
C ASP A 242 13.35 34.77 11.70
N PHE A 243 14.47 35.34 11.28
CA PHE A 243 14.45 36.41 10.27
C PHE A 243 15.63 36.25 9.36
N ARG A 244 15.46 36.79 8.15
CA ARG A 244 16.49 36.80 7.15
C ARG A 244 16.35 38.07 6.37
N THR A 245 17.46 38.73 6.15
CA THR A 245 17.38 40.07 5.61
C THR A 245 18.70 40.47 5.06
N THR A 246 18.62 41.36 4.10
CA THR A 246 19.79 41.84 3.44
C THR A 246 19.91 43.36 3.48
N GLU A 247 18.88 44.06 4.00
CA GLU A 247 18.88 45.52 4.16
C GLU A 247 19.43 45.92 5.51
N PRO A 248 20.12 47.07 5.56
CA PRO A 248 20.76 47.48 6.81
C PRO A 248 19.80 48.01 7.88
N ASN A 249 18.72 48.70 7.49
CA ASN A 249 17.82 49.36 8.47
C ASN A 249 16.41 48.83 8.33
N GLY A 250 15.72 48.65 9.45
CA GLY A 250 14.33 48.22 9.43
C GLY A 250 13.73 48.06 10.83
N LEU A 251 12.43 48.27 10.94
CA LEU A 251 11.68 48.07 12.18
C LEU A 251 11.01 46.73 12.09
N ILE A 252 11.47 45.79 12.91
CA ILE A 252 11.00 44.43 12.85
C ILE A 252 9.78 44.26 13.74
N LEU A 253 9.87 44.77 14.96
CA LEU A 253 8.79 44.61 15.92
C LEU A 253 8.66 45.88 16.75
N PHE A 254 7.42 46.30 17.02
CA PHE A 254 7.18 47.54 17.75
C PHE A 254 5.79 47.60 18.34
N SER A 255 5.72 48.05 19.58
CA SER A 255 4.45 48.22 20.27
C SER A 255 4.66 49.22 21.37
N HIS A 256 3.65 50.06 21.64
CA HIS A 256 3.76 51.07 22.71
C HIS A 256 2.44 51.19 23.48
N GLY A 257 2.54 51.76 24.68
CA GLY A 257 1.38 52.00 25.53
C GLY A 257 0.74 53.37 25.41
N LYS A 258 -0.09 53.68 26.40
CA LYS A 258 -0.88 54.87 26.38
C LYS A 258 0.11 55.97 26.75
N PRO A 259 -0.12 57.19 26.27
CA PRO A 259 0.93 58.18 26.51
C PRO A 259 0.94 58.70 27.93
N ARG A 260 2.11 58.91 28.51
CA ARG A 260 2.24 59.33 29.92
C ARG A 260 2.69 60.79 30.12
N HIS A 261 2.99 61.49 29.03
CA HIS A 261 3.31 62.91 29.09
C HIS A 261 2.04 63.73 29.17
N GLN A 262 2.19 65.03 29.36
CA GLN A 262 1.03 65.91 29.49
C GLN A 262 0.54 66.40 28.08
N LYS A 263 -0.74 66.75 28.01
CA LYS A 263 -1.35 67.21 26.76
C LYS A 263 -0.67 68.48 26.23
N ASP A 264 -0.19 69.34 27.13
CA ASP A 264 0.59 70.52 26.74
C ASP A 264 2.11 70.24 26.61
N ALA A 265 2.47 68.99 26.29
CA ALA A 265 3.83 68.64 25.92
C ALA A 265 4.02 68.90 24.41
N LYS A 266 5.03 69.67 24.06
CA LYS A 266 5.21 70.06 22.73
C LYS A 266 6.56 69.71 22.14
N HIS A 267 7.36 68.86 22.79
CA HIS A 267 8.58 68.37 22.14
C HIS A 267 8.71 66.87 22.12
N PRO A 268 9.11 66.28 20.98
CA PRO A 268 9.21 64.82 20.94
C PRO A 268 10.14 64.17 22.02
N GLN A 269 11.08 64.93 22.60
CA GLN A 269 11.88 64.37 23.71
C GLN A 269 11.10 64.24 25.01
N MET A 270 9.96 64.90 25.08
CA MET A 270 9.08 64.86 26.24
C MET A 270 8.18 63.64 26.28
N ILE A 271 8.12 62.92 25.17
CA ILE A 271 7.24 61.75 25.04
C ILE A 271 7.59 60.67 26.08
N LYS A 272 6.57 60.15 26.74
CA LYS A 272 6.71 59.12 27.76
C LYS A 272 5.65 58.06 27.50
N VAL A 273 6.14 56.87 27.18
CA VAL A 273 5.29 55.80 26.79
C VAL A 273 6.04 54.50 27.04
N ASP A 274 5.35 53.52 27.61
CA ASP A 274 5.94 52.17 27.72
C ASP A 274 5.98 51.60 26.31
N PHE A 275 7.15 51.19 25.87
CA PHE A 275 7.24 50.57 24.56
C PHE A 275 8.27 49.44 24.54
N PHE A 276 8.13 48.60 23.52
CA PHE A 276 9.07 47.54 23.21
C PHE A 276 9.32 47.60 21.70
N ALA A 277 10.57 47.39 21.30
CA ALA A 277 10.87 47.39 19.88
C ALA A 277 12.07 46.52 19.57
N ILE A 278 12.04 45.82 18.44
CA ILE A 278 13.25 45.22 17.91
C ILE A 278 13.48 45.84 16.55
N GLU A 279 14.67 46.40 16.35
CA GLU A 279 15.01 47.12 15.16
C GLU A 279 16.41 46.78 14.66
N MET A 280 16.65 47.03 13.38
CA MET A 280 17.99 46.93 12.79
C MET A 280 18.44 48.30 12.32
N LEU A 281 19.69 48.64 12.64
CA LEU A 281 20.29 49.89 12.22
C LEU A 281 21.69 49.60 11.77
N ASP A 282 21.97 49.95 10.52
CA ASP A 282 23.31 49.91 9.96
C ASP A 282 23.87 48.48 10.06
N GLY A 283 23.00 47.52 9.84
CA GLY A 283 23.39 46.13 9.91
C GLY A 283 23.33 45.46 11.26
N HIS A 284 23.15 46.20 12.36
CA HIS A 284 23.21 45.66 13.71
C HIS A 284 21.84 45.56 14.28
N LEU A 285 21.59 44.50 15.05
CA LEU A 285 20.24 44.23 15.57
C LEU A 285 20.16 44.66 17.03
N TYR A 286 19.13 45.43 17.36
CA TYR A 286 19.02 46.05 18.68
C TYR A 286 17.67 45.78 19.28
N LEU A 287 17.63 45.60 20.60
CA LEU A 287 16.39 45.55 21.38
C LEU A 287 16.27 46.84 22.15
N LEU A 288 15.07 47.41 22.18
CA LEU A 288 14.81 48.64 22.87
C LEU A 288 13.56 48.43 23.70
N LEU A 289 13.57 48.91 24.92
CA LEU A 289 12.51 48.62 25.86
C LEU A 289 12.40 49.76 26.90
N ASP A 290 11.19 50.24 27.17
CA ASP A 290 10.93 51.19 28.28
C ASP A 290 9.70 50.78 29.08
N MET A 291 9.86 50.69 30.40
CA MET A 291 8.80 50.14 31.28
C MET A 291 8.10 51.14 32.17
N GLY A 292 8.51 52.42 32.01
CA GLY A 292 7.94 53.56 32.73
C GLY A 292 8.96 54.51 33.32
N SER A 293 10.24 54.23 33.15
CA SER A 293 11.23 54.94 33.92
C SER A 293 12.55 55.15 33.18
N GLY A 294 12.50 55.10 31.87
CA GLY A 294 13.73 55.01 31.07
C GLY A 294 13.80 53.85 30.08
N THR A 295 14.56 54.10 29.02
CA THR A 295 14.64 53.26 27.87
C THR A 295 15.99 52.56 27.90
N ILE A 296 16.01 51.25 27.81
CA ILE A 296 17.28 50.53 27.70
C ILE A 296 17.39 50.00 26.28
N LYS A 297 18.59 50.00 25.73
CA LYS A 297 18.84 49.65 24.34
C LYS A 297 20.10 48.76 24.21
N ILE A 298 19.98 47.65 23.50
CA ILE A 298 20.97 46.57 23.59
C ILE A 298 21.26 46.05 22.20
N LYS A 299 22.54 46.05 21.85
CA LYS A 299 23.00 45.46 20.63
C LYS A 299 22.98 43.95 20.83
N ALA A 300 21.97 43.30 20.24
CA ALA A 300 21.73 41.90 20.52
C ALA A 300 22.87 40.98 20.08
N LEU A 301 23.63 41.37 19.06
CA LEU A 301 24.93 40.74 18.78
C LEU A 301 25.91 41.67 18.05
N GLN A 302 27.19 41.45 18.25
CA GLN A 302 28.23 42.37 17.78
C GLN A 302 28.29 42.42 16.26
N LYS A 303 28.19 41.26 15.62
CA LYS A 303 28.35 41.16 14.19
C LYS A 303 27.14 41.77 13.48
N LYS A 304 27.35 42.25 12.25
CA LYS A 304 26.24 42.65 11.40
C LYS A 304 25.45 41.41 10.96
N VAL A 305 24.14 41.49 10.92
CA VAL A 305 23.33 40.33 10.60
C VAL A 305 22.49 40.49 9.34
N ASN A 306 22.89 41.39 8.45
CA ASN A 306 22.16 41.61 7.19
C ASN A 306 22.90 40.96 6.03
N ASP A 307 23.21 39.66 6.19
CA ASP A 307 24.01 38.90 5.21
C ASP A 307 23.18 37.88 4.45
N GLY A 308 21.87 37.97 4.61
CA GLY A 308 20.94 37.04 4.01
C GLY A 308 20.85 35.66 4.63
N GLU A 309 21.55 35.41 5.73
CA GLU A 309 21.46 34.15 6.43
C GLU A 309 20.30 34.18 7.40
N TRP A 310 19.81 33.02 7.83
CA TRP A 310 18.81 32.97 8.90
C TRP A 310 19.44 33.15 10.30
N TYR A 311 18.69 33.84 11.13
CA TYR A 311 19.02 34.03 12.52
C TYR A 311 17.78 33.74 13.31
N HIS A 312 17.99 33.10 14.48
CA HIS A 312 16.94 32.91 15.45
C HIS A 312 17.03 33.98 16.53
N VAL A 313 15.88 34.54 16.87
CA VAL A 313 15.77 35.58 17.85
C VAL A 313 14.85 35.08 18.94
N ASP A 314 15.31 35.22 20.19
CA ASP A 314 14.52 34.81 21.36
C ASP A 314 14.57 35.91 22.39
N PHE A 315 13.42 36.32 22.87
CA PHE A 315 13.33 37.37 23.87
C PHE A 315 12.52 36.85 25.05
N GLN A 316 13.08 36.95 26.25
CA GLN A 316 12.41 36.51 27.49
C GLN A 316 12.42 37.66 28.47
N ARG A 317 11.31 37.85 29.17
CA ARG A 317 11.20 38.95 30.11
C ARG A 317 10.33 38.56 31.29
N ASP A 318 10.87 38.68 32.49
CA ASP A 318 10.02 38.72 33.70
C ASP A 318 10.32 40.02 34.39
N GLY A 319 9.30 40.84 34.55
CA GLY A 319 9.47 42.13 35.17
C GLY A 319 10.37 43.02 34.35
N ARG A 320 11.39 43.56 34.99
CA ARG A 320 12.29 44.47 34.30
C ARG A 320 13.59 43.77 33.91
N SER A 321 13.68 42.47 34.12
CA SER A 321 14.85 41.75 33.69
C SER A 321 14.50 40.72 32.64
N GLY A 322 15.49 40.39 31.84
CA GLY A 322 15.40 39.21 31.01
C GLY A 322 16.62 39.03 30.13
N THR A 323 16.38 38.47 28.94
CA THR A 323 17.42 38.09 28.04
C THR A 323 16.97 38.30 26.62
N ILE A 324 17.93 38.49 25.72
CA ILE A 324 17.69 38.55 24.27
C ILE A 324 18.81 37.71 23.66
N SER A 325 18.43 36.65 22.95
CA SER A 325 19.35 35.76 22.28
C SER A 325 19.24 35.96 20.78
N VAL A 326 20.40 35.96 20.12
CA VAL A 326 20.47 35.72 18.69
C VAL A 326 21.36 34.52 18.42
N ASN A 327 20.82 33.58 17.67
CA ASN A 327 21.45 32.27 17.48
C ASN A 327 21.76 31.65 18.83
N THR A 328 23.01 31.51 19.23
CA THR A 328 23.27 31.05 20.59
C THR A 328 24.00 32.05 21.47
N LEU A 329 24.28 33.25 20.98
CA LEU A 329 24.77 34.33 21.86
C LEU A 329 23.58 34.95 22.58
N ARG A 330 23.63 34.95 23.91
CA ARG A 330 22.55 35.50 24.72
C ARG A 330 23.04 36.65 25.58
N THR A 331 22.20 37.64 25.79
CA THR A 331 22.61 38.86 26.46
C THR A 331 21.57 39.19 27.50
N PRO A 332 22.00 39.40 28.75
CA PRO A 332 21.09 39.80 29.82
C PRO A 332 20.86 41.30 29.89
N TYR A 333 19.72 41.70 30.43
CA TYR A 333 19.34 43.09 30.49
C TYR A 333 18.45 43.33 31.67
N THR A 334 18.60 44.52 32.22
CA THR A 334 17.88 44.95 33.38
C THR A 334 17.46 46.40 33.16
N ALA A 335 16.16 46.67 33.22
CA ALA A 335 15.66 47.99 32.84
C ALA A 335 15.61 48.89 34.05
N PRO A 336 15.77 50.20 33.84
CA PRO A 336 15.71 51.12 34.95
C PRO A 336 14.29 51.24 35.48
N GLY A 337 14.20 51.70 36.71
CA GLY A 337 12.93 52.07 37.28
C GLY A 337 12.48 51.07 38.30
N GLU A 338 11.34 51.35 38.90
CA GLU A 338 10.72 50.43 39.82
C GLU A 338 9.46 49.79 39.24
N SER A 339 9.07 50.14 38.00
CA SER A 339 7.96 49.43 37.36
C SER A 339 8.43 48.17 36.70
N GLU A 340 7.68 47.08 36.95
CA GLU A 340 7.95 45.78 36.38
C GLU A 340 6.94 45.36 35.32
N ILE A 341 6.26 46.32 34.73
CA ILE A 341 5.13 46.05 33.88
C ILE A 341 5.33 46.77 32.56
N LEU A 342 5.30 46.01 31.47
CA LEU A 342 5.30 46.58 30.14
C LEU A 342 3.87 46.80 29.76
N ASP A 343 3.40 48.00 30.02
CA ASP A 343 2.00 48.34 29.87
C ASP A 343 1.65 48.64 28.42
N LEU A 344 1.70 47.60 27.59
CA LEU A 344 1.44 47.74 26.17
C LEU A 344 -0.03 47.87 25.92
N ASP A 345 -0.37 48.60 24.86
CA ASP A 345 -1.73 48.87 24.55
C ASP A 345 -1.94 48.48 23.07
N ASP A 346 -3.19 48.16 22.73
CA ASP A 346 -3.61 48.02 21.34
C ASP A 346 -2.70 47.07 20.58
N GLU A 347 -2.20 47.48 19.41
CA GLU A 347 -1.58 46.55 18.46
C GLU A 347 -0.10 46.30 18.67
N LEU A 348 0.39 45.23 18.08
CA LEU A 348 1.84 44.94 17.97
C LEU A 348 2.21 44.79 16.49
N TYR A 349 3.13 45.61 15.99
CA TYR A 349 3.43 45.67 14.57
C TYR A 349 4.67 44.85 14.18
N LEU A 350 4.53 44.06 13.12
CA LEU A 350 5.61 43.27 12.57
C LEU A 350 5.93 43.81 11.19
N GLY A 351 7.15 44.30 11.00
CA GLY A 351 7.69 44.59 9.70
C GLY A 351 7.68 46.06 9.34
N GLY A 352 7.11 46.90 10.20
CA GLY A 352 7.00 48.34 9.94
C GLY A 352 5.83 48.93 10.73
N LEU A 353 5.41 50.13 10.35
CA LEU A 353 4.31 50.82 11.05
C LEU A 353 3.20 51.25 10.09
N PRO A 354 1.97 51.42 10.60
CA PRO A 354 0.90 51.98 9.77
C PRO A 354 1.07 53.48 9.48
N GLU A 355 0.61 53.93 8.30
CA GLU A 355 0.72 55.34 7.86
C GLU A 355 -0.25 56.27 8.62
N ASN A 356 -1.52 55.86 8.76
CA ASN A 356 -2.55 56.73 9.36
C ASN A 356 -3.24 56.14 10.60
N LYS A 357 -2.47 55.68 11.58
CA LYS A 357 -3.06 55.13 12.79
C LYS A 357 -3.28 56.23 13.84
N ALA A 358 -4.48 56.24 14.41
CA ALA A 358 -4.86 57.21 15.42
C ALA A 358 -4.06 56.92 16.69
N GLY A 359 -3.50 57.94 17.35
CA GLY A 359 -2.83 57.72 18.62
C GLY A 359 -1.63 56.80 18.54
N LEU A 360 -0.91 56.85 17.43
CA LEU A 360 0.38 56.20 17.35
C LEU A 360 1.48 57.15 17.86
N VAL A 361 2.32 56.63 18.73
CA VAL A 361 3.37 57.42 19.37
C VAL A 361 4.74 56.94 18.90
N PHE A 362 5.66 57.88 18.68
CA PHE A 362 7.00 57.58 18.16
C PHE A 362 8.02 57.99 19.24
N PRO A 363 8.51 57.03 20.02
CA PRO A 363 9.57 57.39 20.94
C PRO A 363 10.83 57.86 20.22
N THR A 364 11.60 58.65 20.91
CA THR A 364 12.74 59.33 20.31
C THR A 364 13.87 58.35 20.04
N GLU A 365 13.92 57.29 20.82
CA GLU A 365 15.02 56.30 20.76
C GLU A 365 14.90 55.31 19.59
N VAL A 366 13.71 55.21 19.00
CA VAL A 366 13.47 54.28 17.92
C VAL A 366 13.72 55.01 16.60
N TRP A 367 15.00 55.10 16.22
CA TRP A 367 15.41 55.91 15.06
C TRP A 367 14.82 55.34 13.78
N THR A 368 14.63 54.05 13.79
CA THR A 368 13.94 53.35 12.73
C THR A 368 12.54 53.86 12.49
N ALA A 369 11.79 54.13 13.55
CA ALA A 369 10.43 54.65 13.37
C ALA A 369 10.46 56.16 13.06
N LEU A 370 11.41 56.88 13.62
CA LEU A 370 11.59 58.30 13.30
C LEU A 370 11.92 58.53 11.82
N LEU A 371 12.66 57.62 11.18
CA LEU A 371 13.03 57.80 9.81
C LEU A 371 12.17 56.95 8.85
N ASN A 372 11.12 56.37 9.42
CA ASN A 372 10.20 55.55 8.65
C ASN A 372 10.87 54.40 7.95
N TYR A 373 12.00 53.91 8.48
CA TYR A 373 12.63 52.69 7.92
C TYR A 373 11.75 51.51 8.23
N GLY A 374 11.19 50.88 7.22
CA GLY A 374 10.37 49.69 7.44
C GLY A 374 11.20 48.47 7.11
N TYR A 375 10.84 47.34 7.68
CA TYR A 375 11.58 46.13 7.47
C TYR A 375 11.34 45.66 6.04
N VAL A 376 12.39 45.15 5.41
CA VAL A 376 12.24 44.31 4.24
C VAL A 376 13.08 43.03 4.40
N GLY A 377 12.41 41.89 4.28
CA GLY A 377 13.06 40.60 4.43
C GLY A 377 12.02 39.54 4.73
N CYS A 378 12.49 38.39 5.22
CA CYS A 378 11.59 37.33 5.62
C CYS A 378 11.55 37.21 7.14
N ILE A 379 10.34 36.98 7.64
CA ILE A 379 10.14 36.49 8.98
C ILE A 379 9.52 35.09 8.91
N ARG A 380 9.87 34.22 9.85
CA ARG A 380 9.35 32.86 9.87
C ARG A 380 9.17 32.35 11.29
N ASP A 381 8.11 31.57 11.47
CA ASP A 381 7.90 30.81 12.70
C ASP A 381 7.93 31.69 13.94
N LEU A 382 6.92 32.55 14.05
CA LEU A 382 6.83 33.48 15.18
C LEU A 382 6.08 32.87 16.33
N PHE A 383 6.62 33.09 17.53
CA PHE A 383 6.03 32.57 18.76
C PHE A 383 5.80 33.73 19.73
N ILE A 384 4.63 33.79 20.34
CA ILE A 384 4.36 34.72 21.42
C ILE A 384 3.95 33.91 22.64
N ASP A 385 4.65 34.13 23.74
CA ASP A 385 4.37 33.46 25.03
C ASP A 385 4.38 31.96 24.89
N GLY A 386 5.34 31.46 24.10
CA GLY A 386 5.43 30.04 23.77
C GLY A 386 4.33 29.41 22.90
N GLN A 387 3.38 30.19 22.40
CA GLN A 387 2.29 29.67 21.57
C GLN A 387 2.51 30.13 20.12
N SER A 388 2.52 29.17 19.21
CA SER A 388 2.86 29.44 17.81
C SER A 388 1.80 30.31 17.15
N LYS A 389 2.20 31.19 16.25
CA LYS A 389 1.27 32.11 15.58
C LYS A 389 1.42 32.01 14.06
N ASP A 390 0.32 31.71 13.37
CA ASP A 390 0.32 31.63 11.89
C ASP A 390 0.16 33.04 11.34
N ILE A 391 1.28 33.70 11.12
CA ILE A 391 1.27 35.00 10.49
C ILE A 391 0.75 35.00 9.04
N ARG A 392 0.92 33.89 8.30
CA ARG A 392 0.38 33.76 6.91
C ARG A 392 -1.13 33.97 6.89
N GLN A 393 -1.85 33.31 7.78
CA GLN A 393 -3.29 33.55 7.91
C GLN A 393 -3.50 35.07 8.10
N MET A 394 -2.73 35.64 9.03
CA MET A 394 -2.82 37.10 9.29
C MET A 394 -2.50 37.96 8.05
N ALA A 395 -1.45 37.61 7.31
CA ALA A 395 -1.05 38.36 6.11
C ALA A 395 -2.10 38.35 5.02
N GLU A 396 -2.65 37.17 4.71
CA GLU A 396 -3.71 37.05 3.69
C GLU A 396 -4.99 37.79 4.12
N VAL A 397 -5.32 37.66 5.41
CA VAL A 397 -6.52 38.17 6.01
C VAL A 397 -6.41 39.67 6.31
N GLN A 398 -5.23 40.27 6.21
CA GLN A 398 -5.06 41.66 6.60
C GLN A 398 -4.26 42.46 5.60
N SER A 399 -4.89 42.75 4.46
CA SER A 399 -4.47 43.79 3.51
C SER A 399 -3.22 43.50 2.65
N THR A 400 -2.58 42.34 2.81
CA THR A 400 -1.27 42.02 2.21
C THR A 400 -0.24 43.19 2.18
N ALA A 401 -0.14 43.93 3.28
CA ALA A 401 0.71 45.13 3.38
C ALA A 401 0.63 45.63 4.81
N GLY B 21 -23.18 -5.97 -23.52
CA GLY B 21 -24.14 -5.88 -22.40
C GLY B 21 -24.40 -7.21 -21.72
N LYS B 22 -23.36 -8.02 -21.52
CA LYS B 22 -23.44 -9.16 -20.58
C LYS B 22 -23.00 -8.80 -19.13
N GLU B 23 -22.74 -7.51 -18.87
CA GLU B 23 -22.03 -7.01 -17.68
C GLU B 23 -20.64 -7.68 -17.47
N GLU B 24 -20.37 -8.19 -16.26
CA GLU B 24 -19.03 -8.68 -15.96
C GLU B 24 -18.68 -10.05 -16.58
N TYR B 25 -17.45 -10.20 -17.03
CA TYR B 25 -16.96 -11.49 -17.55
C TYR B 25 -16.00 -12.16 -16.61
N ILE B 26 -16.40 -13.30 -16.09
CA ILE B 26 -15.72 -13.96 -14.99
C ILE B 26 -15.36 -15.37 -15.46
N ALA B 27 -14.35 -15.94 -14.84
CA ALA B 27 -14.13 -17.38 -14.94
C ALA B 27 -13.57 -17.91 -13.65
N THR B 28 -13.67 -19.24 -13.52
CA THR B 28 -13.08 -19.99 -12.45
C THR B 28 -11.97 -20.86 -13.00
N PHE B 29 -10.86 -20.87 -12.29
CA PHE B 29 -9.66 -21.62 -12.70
C PHE B 29 -9.37 -22.62 -11.59
N LYS B 30 -9.07 -23.86 -11.94
CA LYS B 30 -9.02 -24.94 -10.98
C LYS B 30 -7.62 -25.55 -10.91
N GLY B 31 -6.64 -24.92 -11.52
CA GLY B 31 -5.28 -25.40 -11.47
C GLY B 31 -4.78 -25.87 -12.82
N SER B 32 -5.68 -26.32 -13.69
CA SER B 32 -5.29 -26.71 -15.07
C SER B 32 -6.05 -25.92 -16.13
N GLU B 33 -6.45 -24.70 -15.80
CA GLU B 33 -7.29 -23.92 -16.70
C GLU B 33 -6.49 -22.73 -17.14
N TYR B 34 -6.50 -22.46 -18.43
CA TYR B 34 -5.97 -21.21 -18.90
C TYR B 34 -6.60 -20.68 -20.20
N PHE B 35 -6.52 -19.37 -20.40
CA PHE B 35 -6.75 -18.73 -21.70
C PHE B 35 -5.41 -18.48 -22.38
N CYS B 36 -5.46 -18.46 -23.70
CA CYS B 36 -4.29 -18.22 -24.55
C CYS B 36 -4.74 -17.33 -25.69
N TYR B 37 -4.11 -16.19 -25.88
CA TYR B 37 -4.42 -15.32 -27.01
C TYR B 37 -3.21 -15.22 -27.93
N ASP B 38 -3.41 -15.52 -29.21
CA ASP B 38 -2.32 -15.49 -30.18
C ASP B 38 -1.98 -14.05 -30.59
N LEU B 39 -0.69 -13.72 -30.50
CA LEU B 39 -0.21 -12.37 -30.77
C LEU B 39 0.55 -12.26 -32.07
N SER B 40 0.56 -13.31 -32.90
CA SER B 40 1.34 -13.30 -34.14
C SER B 40 0.79 -12.32 -35.16
N GLN B 41 -0.54 -12.32 -35.35
CA GLN B 41 -1.13 -11.46 -36.36
C GLN B 41 -1.13 -10.01 -35.90
N ASN B 42 -1.41 -9.76 -34.61
CA ASN B 42 -1.39 -8.39 -34.06
C ASN B 42 -0.45 -8.30 -32.84
N PRO B 43 0.87 -8.31 -33.07
CA PRO B 43 1.80 -8.34 -31.95
C PRO B 43 1.85 -7.04 -31.21
N ILE B 44 2.54 -7.05 -30.08
CA ILE B 44 2.68 -5.89 -29.22
C ILE B 44 4.06 -5.28 -29.45
N GLN B 45 4.07 -4.01 -29.88
CA GLN B 45 5.21 -3.11 -29.69
C GLN B 45 4.71 -1.85 -29.01
N SER B 46 4.82 -1.79 -27.70
CA SER B 46 4.26 -0.67 -26.96
C SER B 46 5.31 0.09 -26.16
N SER B 47 5.03 1.38 -26.03
CA SER B 47 5.72 2.27 -25.09
C SER B 47 4.89 2.56 -23.80
N SER B 48 3.56 2.35 -23.87
CA SER B 48 2.66 2.51 -22.75
C SER B 48 1.72 1.29 -22.67
N ASP B 49 1.46 0.81 -21.45
CA ASP B 49 0.60 -0.34 -21.22
C ASP B 49 -0.30 -0.10 -20.03
N GLU B 50 -1.46 -0.76 -20.01
CA GLU B 50 -2.24 -0.93 -18.80
C GLU B 50 -2.83 -2.35 -18.71
N ILE B 51 -2.80 -2.95 -17.52
CA ILE B 51 -3.42 -4.25 -17.25
C ILE B 51 -4.29 -4.12 -16.02
N THR B 52 -5.54 -4.55 -16.13
CA THR B 52 -6.45 -4.45 -15.00
C THR B 52 -7.25 -5.71 -14.86
N LEU B 53 -7.58 -6.05 -13.62
CA LEU B 53 -8.41 -7.21 -13.37
C LEU B 53 -8.76 -7.21 -11.91
N SER B 54 -9.64 -8.14 -11.55
CA SER B 54 -9.87 -8.48 -10.14
C SER B 54 -9.75 -9.99 -9.94
N PHE B 55 -9.18 -10.37 -8.81
CA PHE B 55 -9.00 -11.77 -8.45
C PHE B 55 -9.59 -12.12 -7.11
N LYS B 56 -9.95 -13.39 -6.96
CA LYS B 56 -10.45 -13.98 -5.70
C LYS B 56 -9.83 -15.36 -5.53
N THR B 57 -9.23 -15.66 -4.38
CA THR B 57 -8.51 -16.91 -4.23
C THR B 57 -8.19 -17.25 -2.79
N LEU B 58 -7.81 -18.51 -2.60
CA LEU B 58 -7.34 -19.05 -1.33
C LEU B 58 -5.93 -19.69 -1.44
N GLN B 59 -5.36 -19.70 -2.66
CA GLN B 59 -4.04 -20.28 -2.88
C GLN B 59 -3.02 -19.17 -2.81
N ARG B 60 -1.90 -19.50 -2.22
CA ARG B 60 -0.83 -18.60 -2.07
C ARG B 60 -0.14 -18.32 -3.35
N ASN B 61 -0.12 -19.27 -4.26
CA ASN B 61 0.61 -19.11 -5.51
C ASN B 61 -0.22 -19.51 -6.72
N GLY B 62 -0.28 -18.62 -7.70
CA GLY B 62 -0.86 -18.91 -9.01
C GLY B 62 -0.57 -17.78 -9.98
N LEU B 63 -0.19 -18.14 -11.20
CA LEU B 63 -0.11 -17.18 -12.30
C LEU B 63 -1.46 -16.54 -12.59
N MET B 64 -1.46 -15.22 -12.74
CA MET B 64 -2.67 -14.47 -13.11
C MET B 64 -2.71 -14.20 -14.60
N LEU B 65 -1.66 -13.58 -15.10
CA LEU B 65 -1.45 -13.50 -16.53
C LEU B 65 -0.01 -13.27 -16.86
N HIS B 66 0.35 -13.62 -18.08
CA HIS B 66 1.71 -13.54 -18.56
C HIS B 66 1.69 -13.27 -20.07
N THR B 67 2.70 -12.55 -20.56
CA THR B 67 2.88 -12.41 -22.00
C THR B 67 4.35 -12.23 -22.27
N GLY B 68 4.80 -12.59 -23.44
CA GLY B 68 6.24 -12.57 -23.74
C GLY B 68 7.00 -13.88 -23.53
N LYS B 69 7.79 -14.25 -24.53
CA LYS B 69 8.78 -15.34 -24.48
C LYS B 69 10.18 -14.68 -24.67
N SER B 70 11.27 -15.38 -24.38
CA SER B 70 12.63 -14.80 -24.40
C SER B 70 12.83 -13.41 -23.67
N ALA B 71 13.14 -12.36 -24.42
CA ALA B 71 13.80 -11.17 -23.90
C ALA B 71 12.86 -10.26 -23.10
N ASP B 72 11.68 -9.97 -23.68
CA ASP B 72 10.71 -9.06 -23.08
C ASP B 72 9.57 -9.86 -22.47
N TYR B 73 9.09 -9.47 -21.30
CA TYR B 73 7.97 -10.18 -20.67
C TYR B 73 7.19 -9.37 -19.66
N VAL B 74 5.96 -9.78 -19.41
CA VAL B 74 5.16 -9.27 -18.29
C VAL B 74 4.55 -10.45 -17.57
N ASN B 75 4.60 -10.44 -16.24
CA ASN B 75 4.09 -11.55 -15.47
C ASN B 75 3.47 -10.97 -14.22
N LEU B 76 2.22 -11.31 -13.98
CA LEU B 76 1.49 -10.89 -12.80
C LEU B 76 1.01 -12.19 -12.18
N ALA B 77 1.29 -12.33 -10.90
CA ALA B 77 1.08 -13.60 -10.21
C ALA B 77 0.77 -13.33 -8.77
N LEU B 78 0.26 -14.34 -8.07
CA LEU B 78 0.29 -14.34 -6.61
C LEU B 78 1.44 -15.20 -6.09
N LYS B 79 2.29 -14.60 -5.24
CA LYS B 79 3.41 -15.33 -4.63
C LYS B 79 3.42 -15.17 -3.10
N ASN B 80 3.24 -16.27 -2.39
CA ASN B 80 3.16 -16.20 -0.95
C ASN B 80 2.19 -15.11 -0.49
N GLY B 81 0.99 -15.11 -1.08
CA GLY B 81 -0.08 -14.19 -0.66
C GLY B 81 0.08 -12.74 -1.15
N ALA B 82 1.21 -12.46 -1.81
CA ALA B 82 1.47 -11.15 -2.35
C ALA B 82 1.19 -11.11 -3.83
N VAL B 83 0.81 -9.95 -4.34
CA VAL B 83 0.71 -9.78 -5.79
C VAL B 83 2.09 -9.41 -6.29
N SER B 84 2.53 -10.11 -7.34
CA SER B 84 3.87 -9.97 -7.87
C SER B 84 3.77 -9.53 -9.28
N LEU B 85 4.46 -8.45 -9.60
CA LEU B 85 4.54 -7.96 -10.97
C LEU B 85 5.98 -7.89 -11.42
N VAL B 86 6.26 -8.46 -12.58
CA VAL B 86 7.56 -8.44 -13.18
C VAL B 86 7.41 -8.00 -14.62
N ILE B 87 8.22 -7.03 -15.05
CA ILE B 87 8.21 -6.51 -16.41
C ILE B 87 9.65 -6.31 -16.87
N ASN B 88 10.06 -6.93 -17.95
CA ASN B 88 11.37 -6.68 -18.52
C ASN B 88 11.18 -6.32 -19.97
N LEU B 89 11.89 -5.27 -20.41
CA LEU B 89 11.80 -4.81 -21.80
C LEU B 89 13.04 -5.10 -22.62
N GLY B 90 13.92 -5.97 -22.11
CA GLY B 90 15.16 -6.33 -22.80
C GLY B 90 16.41 -5.75 -22.16
N SER B 91 16.28 -4.61 -21.51
CA SER B 91 17.42 -3.89 -20.91
C SER B 91 17.55 -4.24 -19.40
N GLY B 92 16.52 -4.89 -18.85
CA GLY B 92 16.56 -5.39 -17.46
C GLY B 92 15.17 -5.31 -16.84
N ALA B 93 14.96 -6.07 -15.77
CA ALA B 93 13.61 -6.26 -15.22
C ALA B 93 13.20 -5.29 -14.09
N PHE B 94 11.89 -5.07 -13.98
CA PHE B 94 11.23 -4.50 -12.81
C PHE B 94 10.54 -5.64 -12.08
N GLU B 95 10.57 -5.65 -10.75
CA GLU B 95 9.96 -6.69 -9.99
C GLU B 95 9.49 -6.12 -8.66
N ALA B 96 8.26 -6.40 -8.28
CA ALA B 96 7.71 -5.84 -7.06
C ALA B 96 6.60 -6.72 -6.50
N LEU B 97 6.59 -6.86 -5.19
CA LEU B 97 5.56 -7.62 -4.53
C LEU B 97 4.86 -6.79 -3.49
N VAL B 98 3.55 -6.85 -3.52
CA VAL B 98 2.71 -5.94 -2.75
C VAL B 98 1.82 -6.85 -1.91
N GLU B 99 1.85 -6.64 -0.60
CA GLU B 99 1.09 -7.47 0.27
C GLU B 99 0.77 -6.72 1.54
N PRO B 100 -0.39 -7.03 2.14
CA PRO B 100 -0.79 -6.31 3.33
C PRO B 100 0.21 -6.53 4.45
N VAL B 101 0.48 -5.47 5.21
CA VAL B 101 1.29 -5.58 6.41
C VAL B 101 0.60 -6.59 7.29
N ASN B 102 -0.72 -6.40 7.39
CA ASN B 102 -1.62 -7.16 8.26
C ASN B 102 -2.28 -8.25 7.41
N GLY B 103 -1.59 -9.36 7.21
CA GLY B 103 -2.15 -10.52 6.49
C GLY B 103 -1.76 -10.71 5.02
N LYS B 104 -2.68 -11.26 4.22
CA LYS B 104 -2.39 -11.65 2.81
C LYS B 104 -3.56 -11.31 1.87
N PHE B 105 -3.35 -11.48 0.58
CA PHE B 105 -4.43 -11.36 -0.41
C PHE B 105 -5.19 -12.69 -0.79
N ASN B 106 -4.71 -13.84 -0.33
CA ASN B 106 -5.45 -15.09 -0.52
C ASN B 106 -6.42 -15.36 0.62
N ASP B 107 -7.48 -14.55 0.64
CA ASP B 107 -8.47 -14.57 1.69
C ASP B 107 -9.91 -14.68 1.17
N ASN B 108 -10.08 -15.29 0.01
CA ASN B 108 -11.41 -15.54 -0.58
C ASN B 108 -12.23 -14.24 -0.68
N ALA B 109 -11.54 -13.14 -0.97
CA ALA B 109 -12.14 -11.82 -1.18
C ALA B 109 -11.64 -11.23 -2.52
N TRP B 110 -12.52 -10.49 -3.18
CA TRP B 110 -12.15 -9.82 -4.43
C TRP B 110 -11.13 -8.72 -4.15
N HIS B 111 -10.16 -8.64 -5.05
CA HIS B 111 -9.20 -7.61 -5.03
C HIS B 111 -9.02 -7.14 -6.48
N ASP B 112 -8.96 -5.83 -6.73
CA ASP B 112 -8.62 -5.33 -8.08
C ASP B 112 -7.17 -4.96 -8.12
N VAL B 113 -6.54 -5.24 -9.24
CA VAL B 113 -5.17 -4.86 -9.43
C VAL B 113 -5.08 -4.00 -10.66
N LYS B 114 -4.42 -2.85 -10.56
CA LYS B 114 -4.21 -2.00 -11.70
C LYS B 114 -2.72 -1.80 -11.91
N VAL B 115 -2.28 -2.01 -13.14
CA VAL B 115 -0.87 -1.90 -13.49
C VAL B 115 -0.77 -1.00 -14.71
N THR B 116 0.15 -0.05 -14.64
CA THR B 116 0.45 0.86 -15.74
C THR B 116 1.93 0.87 -16.01
N ARG B 117 2.30 1.11 -17.26
CA ARG B 117 3.67 1.21 -17.66
C ARG B 117 3.81 2.31 -18.74
N ASN B 118 4.78 3.21 -18.56
CA ASN B 118 5.06 4.33 -19.47
C ASN B 118 6.55 4.32 -19.70
N LEU B 119 6.99 3.89 -20.86
CA LEU B 119 8.41 3.64 -21.11
C LEU B 119 8.93 2.74 -20.01
N ARG B 120 9.83 3.23 -19.18
CA ARG B 120 10.48 2.39 -18.16
C ARG B 120 9.79 2.49 -16.81
N GLN B 121 8.84 3.42 -16.62
CA GLN B 121 8.23 3.59 -15.33
C GLN B 121 7.00 2.68 -15.22
N VAL B 122 6.92 1.86 -14.03
CA VAL B 122 5.87 0.92 -13.80
C VAL B 122 5.16 1.32 -12.53
N THR B 123 3.86 1.07 -12.46
CA THR B 123 3.09 1.48 -11.30
C THR B 123 2.13 0.39 -11.04
N ILE B 124 1.91 0.05 -9.75
CA ILE B 124 0.96 -0.98 -9.44
C ILE B 124 0.17 -0.62 -8.22
N SER B 125 -1.15 -0.65 -8.36
CA SER B 125 -2.08 -0.29 -7.30
C SER B 125 -2.91 -1.50 -7.00
N VAL B 126 -3.09 -1.80 -5.71
CA VAL B 126 -3.98 -2.88 -5.30
C VAL B 126 -5.08 -2.36 -4.41
N ASP B 127 -6.32 -2.64 -4.83
CA ASP B 127 -7.53 -2.23 -4.11
C ASP B 127 -7.63 -0.71 -3.92
N GLY B 128 -7.13 0.04 -4.89
CA GLY B 128 -7.05 1.48 -4.80
C GLY B 128 -6.65 1.93 -3.40
N ILE B 129 -5.67 1.25 -2.80
CA ILE B 129 -5.24 1.55 -1.42
C ILE B 129 -3.96 2.37 -1.50
N LEU B 130 -2.85 1.74 -1.90
CA LEU B 130 -1.62 2.49 -2.24
C LEU B 130 -1.19 2.21 -3.67
N THR B 131 -0.28 3.03 -4.14
CA THR B 131 0.36 2.85 -5.42
C THR B 131 1.87 2.77 -5.21
N THR B 132 2.50 1.84 -5.87
CA THR B 132 3.92 1.62 -5.76
C THR B 132 4.45 1.90 -7.15
N THR B 133 5.51 2.67 -7.24
CA THR B 133 6.04 3.07 -8.53
C THR B 133 7.52 2.71 -8.61
N GLY B 134 7.97 2.13 -9.72
CA GLY B 134 9.38 1.80 -9.89
C GLY B 134 9.73 1.83 -11.35
N TYR B 135 10.87 1.30 -11.73
CA TYR B 135 11.38 1.49 -13.08
C TYR B 135 12.01 0.21 -13.62
N THR B 136 12.10 0.14 -14.94
CA THR B 136 12.86 -0.89 -15.60
C THR B 136 14.31 -0.44 -15.77
N GLN B 137 15.20 -1.42 -15.91
CA GLN B 137 16.63 -1.17 -15.93
C GLN B 137 17.17 -0.85 -17.35
N GLU B 138 18.45 -0.47 -17.40
CA GLU B 138 19.18 -0.14 -18.63
C GLU B 138 18.40 0.85 -19.50
N ASP B 139 18.35 0.65 -20.81
CA ASP B 139 17.92 1.74 -21.72
C ASP B 139 16.59 1.51 -22.46
N TYR B 140 16.16 0.25 -22.63
CA TYR B 140 15.01 -0.06 -23.53
C TYR B 140 13.72 0.40 -22.93
N THR B 141 12.86 0.89 -23.82
CA THR B 141 11.65 1.59 -23.48
C THR B 141 10.38 0.94 -24.10
N MET B 142 10.59 -0.10 -24.91
CA MET B 142 9.52 -0.70 -25.70
C MET B 142 9.39 -2.19 -25.37
N LEU B 143 8.16 -2.60 -25.03
CA LEU B 143 7.77 -3.99 -24.80
C LEU B 143 7.37 -4.64 -26.12
N GLY B 144 8.03 -5.75 -26.42
CA GLY B 144 7.74 -6.57 -27.61
C GLY B 144 7.24 -7.97 -27.21
N SER B 145 6.05 -8.35 -27.70
CA SER B 145 5.61 -9.75 -27.60
C SER B 145 4.75 -10.12 -28.80
N ASP B 146 5.19 -11.18 -29.47
CA ASP B 146 4.51 -11.70 -30.65
C ASP B 146 4.08 -13.16 -30.46
N ASP B 147 4.01 -13.60 -29.21
CA ASP B 147 3.83 -15.00 -28.88
C ASP B 147 2.41 -15.18 -28.36
N PHE B 148 2.23 -15.29 -27.04
CA PHE B 148 0.91 -15.56 -26.46
C PHE B 148 0.61 -14.62 -25.28
N PHE B 149 -0.67 -14.38 -25.04
CA PHE B 149 -1.11 -13.76 -23.85
C PHE B 149 -1.89 -14.77 -23.04
N TYR B 150 -1.24 -15.33 -22.01
CA TYR B 150 -1.85 -16.33 -21.12
C TYR B 150 -2.61 -15.67 -19.97
N VAL B 151 -3.80 -16.16 -19.68
CA VAL B 151 -4.54 -15.75 -18.50
C VAL B 151 -4.86 -16.96 -17.65
N GLY B 152 -4.54 -16.89 -16.35
CA GLY B 152 -4.85 -17.91 -15.38
C GLY B 152 -3.92 -19.12 -15.37
N GLY B 153 -3.05 -19.28 -16.35
CA GLY B 153 -2.14 -20.43 -16.39
C GLY B 153 -1.51 -20.57 -17.76
N SER B 154 -0.79 -21.65 -18.00
CA SER B 154 -0.19 -21.90 -19.31
C SER B 154 0.20 -23.34 -19.32
N PRO B 155 0.72 -23.83 -20.45
CA PRO B 155 1.06 -25.26 -20.45
C PRO B 155 2.17 -25.60 -19.45
N SER B 156 3.21 -24.77 -19.38
CA SER B 156 4.18 -24.86 -18.30
C SER B 156 4.50 -23.49 -17.77
N THR B 157 3.80 -23.13 -16.70
CA THR B 157 3.95 -21.83 -16.07
C THR B 157 5.38 -21.56 -15.57
N ALA B 158 6.02 -22.58 -15.01
CA ALA B 158 7.34 -22.40 -14.42
C ALA B 158 8.42 -21.99 -15.41
N ASP B 159 8.27 -22.40 -16.67
CA ASP B 159 9.19 -21.96 -17.77
C ASP B 159 8.94 -20.56 -18.35
N LEU B 160 7.92 -19.86 -17.85
CA LEU B 160 7.61 -18.54 -18.38
C LEU B 160 8.63 -17.57 -17.85
N PRO B 161 9.25 -16.78 -18.74
CA PRO B 161 10.33 -15.91 -18.28
C PRO B 161 9.86 -14.85 -17.28
N GLY B 162 10.61 -14.68 -16.19
CA GLY B 162 10.21 -13.80 -15.10
C GLY B 162 9.12 -14.36 -14.19
N SER B 163 8.69 -15.61 -14.37
CA SER B 163 7.63 -16.18 -13.51
C SER B 163 8.23 -16.58 -12.18
N PRO B 164 7.64 -16.16 -11.07
CA PRO B 164 8.05 -16.64 -9.76
C PRO B 164 7.27 -17.86 -9.28
N VAL B 165 6.41 -18.41 -10.10
CA VAL B 165 5.55 -19.51 -9.68
C VAL B 165 5.48 -20.59 -10.72
N SER B 166 5.12 -21.79 -10.27
CA SER B 166 4.93 -22.93 -11.17
C SER B 166 3.43 -23.23 -11.34
N ASN B 167 2.62 -22.73 -10.42
CA ASN B 167 1.22 -23.08 -10.33
C ASN B 167 0.39 -22.15 -11.21
N ASN B 168 -0.73 -22.68 -11.66
CA ASN B 168 -1.70 -21.96 -12.41
C ASN B 168 -2.70 -21.47 -11.42
N PHE B 169 -3.50 -20.49 -11.81
CA PHE B 169 -4.43 -19.92 -10.91
C PHE B 169 -5.49 -20.90 -10.42
N MET B 170 -5.87 -20.71 -9.15
CA MET B 170 -6.85 -21.51 -8.45
C MET B 170 -7.77 -20.56 -7.73
N GLY B 171 -8.81 -20.14 -8.41
CA GLY B 171 -9.73 -19.13 -7.92
C GLY B 171 -10.44 -18.46 -9.07
N CYS B 172 -10.98 -17.29 -8.82
CA CYS B 172 -11.73 -16.59 -9.84
C CYS B 172 -11.00 -15.37 -10.35
N LEU B 173 -11.03 -15.20 -11.66
CA LEU B 173 -10.53 -14.00 -12.26
C LEU B 173 -11.65 -13.38 -13.08
N LYS B 174 -11.85 -12.08 -12.96
CA LYS B 174 -12.70 -11.36 -13.86
C LYS B 174 -12.07 -10.14 -14.42
N GLU B 175 -12.72 -9.68 -15.47
CA GLU B 175 -12.48 -8.37 -16.07
C GLU B 175 -11.04 -8.16 -16.44
N VAL B 176 -10.43 -9.18 -16.98
CA VAL B 176 -9.05 -9.10 -17.34
C VAL B 176 -8.97 -8.28 -18.62
N VAL B 177 -8.24 -7.18 -18.57
CA VAL B 177 -8.12 -6.40 -19.76
C VAL B 177 -6.77 -5.73 -19.87
N TYR B 178 -6.15 -5.90 -21.04
CA TYR B 178 -4.84 -5.37 -21.35
C TYR B 178 -5.05 -4.37 -22.47
N LYS B 179 -4.64 -3.12 -22.26
CA LYS B 179 -4.67 -2.12 -23.33
C LYS B 179 -3.32 -1.44 -23.50
N ASN B 180 -3.13 -0.91 -24.70
CA ASN B 180 -2.09 0.05 -24.98
C ASN B 180 -2.65 1.11 -25.91
N ASN B 181 -1.79 1.96 -26.46
CA ASN B 181 -2.27 3.10 -27.28
C ASN B 181 -3.01 2.64 -28.50
N ASP B 182 -2.63 1.47 -29.02
CA ASP B 182 -3.21 0.92 -30.25
C ASP B 182 -4.28 -0.14 -30.04
N VAL B 183 -4.03 -1.09 -29.14
CA VAL B 183 -4.91 -2.27 -29.00
C VAL B 183 -5.51 -2.34 -27.61
N ARG B 184 -6.72 -2.88 -27.52
CA ARG B 184 -7.37 -3.26 -26.27
C ARG B 184 -7.86 -4.71 -26.38
N LEU B 185 -7.32 -5.60 -25.56
CA LEU B 185 -7.69 -7.02 -25.51
C LEU B 185 -8.53 -7.24 -24.28
N GLU B 186 -9.82 -7.50 -24.48
CA GLU B 186 -10.75 -7.75 -23.37
C GLU B 186 -10.80 -9.22 -23.09
N LEU B 187 -9.76 -9.72 -22.41
CA LEU B 187 -9.44 -11.13 -22.48
C LEU B 187 -10.52 -12.04 -21.85
N SER B 188 -11.17 -11.59 -20.78
CA SER B 188 -12.32 -12.29 -20.25
C SER B 188 -13.46 -12.40 -21.23
N ARG B 189 -13.76 -11.31 -21.91
CA ARG B 189 -14.76 -11.27 -22.95
C ARG B 189 -14.42 -12.21 -24.11
N LEU B 190 -13.21 -12.07 -24.65
CA LEU B 190 -12.82 -12.92 -25.76
C LEU B 190 -12.92 -14.39 -25.39
N ALA B 191 -12.65 -14.69 -24.13
CA ALA B 191 -12.73 -16.06 -23.63
C ALA B 191 -14.16 -16.56 -23.77
N LYS B 192 -15.10 -15.84 -23.18
CA LYS B 192 -16.49 -16.28 -23.18
C LYS B 192 -17.00 -16.37 -24.62
N GLN B 193 -16.90 -15.25 -25.33
CA GLN B 193 -17.55 -15.07 -26.61
C GLN B 193 -16.78 -15.72 -27.77
N GLY B 194 -15.47 -15.81 -27.67
CA GLY B 194 -14.68 -16.54 -28.67
C GLY B 194 -14.10 -15.61 -29.71
N ASP B 195 -12.89 -15.93 -30.16
CA ASP B 195 -12.25 -15.26 -31.28
C ASP B 195 -11.31 -16.27 -31.96
N PRO B 196 -11.16 -16.23 -33.33
CA PRO B 196 -10.19 -17.14 -33.96
C PRO B 196 -8.77 -17.12 -33.31
N LYS B 197 -8.37 -16.04 -32.64
CA LYS B 197 -7.05 -15.98 -32.01
C LYS B 197 -7.07 -16.40 -30.51
N MET B 198 -8.23 -16.74 -29.96
CA MET B 198 -8.32 -17.14 -28.54
C MET B 198 -8.63 -18.62 -28.41
N LYS B 199 -7.78 -19.35 -27.69
CA LYS B 199 -8.06 -20.71 -27.30
C LYS B 199 -8.11 -20.82 -25.78
N ILE B 200 -9.13 -21.50 -25.26
CA ILE B 200 -9.17 -21.78 -23.85
C ILE B 200 -9.19 -23.27 -23.52
N HIS B 201 -8.58 -23.63 -22.38
CA HIS B 201 -8.25 -25.03 -22.04
C HIS B 201 -8.67 -25.38 -20.59
N GLY B 202 -9.27 -26.56 -20.39
CA GLY B 202 -9.50 -27.11 -19.03
C GLY B 202 -10.94 -27.15 -18.57
N VAL B 203 -11.15 -27.12 -17.27
CA VAL B 203 -12.49 -27.15 -16.75
C VAL B 203 -12.91 -25.74 -16.35
N VAL B 204 -13.38 -25.01 -17.32
CA VAL B 204 -13.65 -23.63 -17.09
C VAL B 204 -15.14 -23.35 -17.07
N ALA B 205 -15.62 -22.87 -15.93
CA ALA B 205 -16.96 -22.29 -15.89
C ALA B 205 -16.87 -20.79 -15.81
N PHE B 206 -17.73 -20.12 -16.57
CA PHE B 206 -17.67 -18.68 -16.64
C PHE B 206 -18.45 -18.02 -15.50
N LYS B 207 -18.03 -18.23 -14.26
CA LYS B 207 -18.81 -17.87 -13.07
C LYS B 207 -17.96 -18.12 -11.85
N CYS B 208 -18.25 -17.40 -10.76
CA CYS B 208 -17.54 -17.63 -9.50
C CYS B 208 -18.56 -17.96 -8.49
N GLU B 209 -18.43 -19.15 -7.90
CA GLU B 209 -19.32 -19.55 -6.84
C GLU B 209 -18.57 -19.62 -5.54
N ASN B 210 -17.81 -20.69 -5.32
CA ASN B 210 -17.16 -20.87 -4.02
C ASN B 210 -15.79 -21.40 -4.29
N VAL B 211 -14.78 -20.68 -3.81
CA VAL B 211 -13.40 -21.01 -4.11
C VAL B 211 -12.93 -22.13 -3.21
N ALA B 212 -13.51 -22.23 -2.02
CA ALA B 212 -13.20 -23.32 -1.09
C ALA B 212 -13.43 -24.71 -1.70
N THR B 213 -14.42 -24.82 -2.59
CA THR B 213 -14.79 -26.10 -3.21
C THR B 213 -13.84 -26.58 -4.31
N LEU B 214 -12.85 -25.78 -4.72
CA LEU B 214 -11.92 -26.19 -5.77
C LEU B 214 -10.89 -27.18 -5.25
N ASP B 215 -10.79 -27.29 -3.93
CA ASP B 215 -9.80 -28.15 -3.29
C ASP B 215 -10.30 -29.57 -3.37
N PRO B 216 -9.55 -30.46 -4.03
CA PRO B 216 -10.11 -31.80 -4.18
C PRO B 216 -10.15 -32.55 -2.84
N ILE B 217 -10.90 -33.64 -2.83
CA ILE B 217 -10.84 -34.61 -1.76
C ILE B 217 -10.39 -35.93 -2.34
N THR B 218 -9.56 -36.63 -1.59
CA THR B 218 -9.04 -37.90 -2.06
C THR B 218 -9.70 -39.07 -1.32
N PHE B 219 -10.21 -40.03 -2.09
CA PHE B 219 -10.67 -41.31 -1.57
C PHE B 219 -9.51 -42.26 -1.74
N GLU B 220 -8.87 -42.51 -0.61
CA GLU B 220 -7.57 -43.12 -0.60
C GLU B 220 -7.65 -44.63 -0.70
N THR B 221 -8.78 -45.19 -0.31
CA THR B 221 -9.00 -46.64 -0.29
C THR B 221 -10.36 -46.93 -0.90
N PRO B 222 -10.61 -48.14 -1.42
CA PRO B 222 -11.99 -48.49 -1.81
C PRO B 222 -13.03 -48.27 -0.76
N GLU B 223 -12.72 -48.60 0.48
CA GLU B 223 -13.67 -48.46 1.57
C GLU B 223 -14.05 -47.02 1.96
N SER B 224 -13.30 -46.01 1.54
CA SER B 224 -13.63 -44.63 1.93
C SER B 224 -14.79 -44.06 1.13
N PHE B 225 -15.63 -43.31 1.86
CA PHE B 225 -16.81 -42.70 1.28
C PHE B 225 -17.34 -41.62 2.19
N ILE B 226 -18.16 -40.75 1.62
CA ILE B 226 -18.84 -39.71 2.37
C ILE B 226 -20.32 -39.87 2.09
N SER B 227 -21.15 -39.47 3.04
CA SER B 227 -22.59 -39.49 2.86
C SER B 227 -23.12 -38.06 2.78
N LEU B 228 -23.61 -37.66 1.63
CA LEU B 228 -24.06 -36.29 1.36
C LEU B 228 -25.50 -36.11 1.85
N PRO B 229 -26.14 -34.96 1.52
CA PRO B 229 -27.53 -34.82 1.92
C PRO B 229 -28.48 -35.33 0.82
N LYS B 230 -29.69 -35.71 1.25
CA LYS B 230 -30.74 -36.24 0.37
C LYS B 230 -30.96 -35.32 -0.84
N TRP B 231 -31.30 -35.92 -1.98
CA TRP B 231 -31.54 -35.14 -3.16
C TRP B 231 -32.84 -34.33 -3.02
N ASN B 232 -32.76 -33.05 -3.35
CA ASN B 232 -33.77 -32.06 -2.91
C ASN B 232 -35.21 -32.29 -3.41
N ALA B 233 -35.38 -32.73 -4.66
CA ALA B 233 -36.73 -32.93 -5.19
C ALA B 233 -36.81 -34.20 -6.02
N LYS B 234 -38.01 -34.76 -6.05
CA LYS B 234 -38.24 -36.01 -6.71
C LYS B 234 -38.38 -35.88 -8.23
N LYS B 235 -39.02 -34.82 -8.69
CA LYS B 235 -39.33 -34.61 -10.11
C LYS B 235 -38.16 -34.16 -10.99
N THR B 236 -37.29 -33.32 -10.45
CA THR B 236 -36.16 -32.80 -11.23
C THR B 236 -34.94 -32.68 -10.35
N GLY B 237 -33.79 -32.79 -10.97
CA GLY B 237 -32.57 -32.67 -10.22
C GLY B 237 -31.39 -32.52 -11.12
N SER B 238 -30.31 -31.97 -10.58
CA SER B 238 -29.05 -31.94 -11.29
C SER B 238 -27.94 -32.30 -10.34
N ILE B 239 -26.88 -32.85 -10.88
CA ILE B 239 -25.69 -33.03 -10.08
C ILE B 239 -24.50 -32.90 -11.00
N SER B 240 -23.50 -32.12 -10.61
CA SER B 240 -22.26 -32.03 -11.40
C SER B 240 -21.06 -31.98 -10.50
N PHE B 241 -19.92 -32.42 -11.03
CA PHE B 241 -18.72 -32.56 -10.25
C PHE B 241 -17.56 -32.86 -11.17
N ASP B 242 -16.35 -32.74 -10.65
CA ASP B 242 -15.16 -33.15 -11.40
C ASP B 242 -14.55 -34.35 -10.68
N PHE B 243 -13.93 -35.25 -11.44
CA PHE B 243 -13.29 -36.42 -10.86
C PHE B 243 -12.01 -36.72 -11.59
N ARG B 244 -11.10 -37.38 -10.87
CA ARG B 244 -9.84 -37.82 -11.41
C ARG B 244 -9.49 -39.13 -10.75
N THR B 245 -9.05 -40.07 -11.53
CA THR B 245 -8.96 -41.41 -11.03
C THR B 245 -8.12 -42.21 -11.97
N THR B 246 -7.50 -43.19 -11.37
CA THR B 246 -6.61 -44.03 -12.09
C THR B 246 -6.98 -45.51 -11.96
N GLU B 247 -7.96 -45.84 -11.11
CA GLU B 247 -8.46 -47.23 -10.92
C GLU B 247 -9.60 -47.52 -11.89
N PRO B 248 -9.70 -48.77 -12.37
CA PRO B 248 -10.71 -49.11 -13.35
C PRO B 248 -12.16 -49.22 -12.83
N ASN B 249 -12.35 -49.66 -11.59
CA ASN B 249 -13.69 -49.90 -11.02
C ASN B 249 -13.93 -49.04 -9.80
N GLY B 250 -15.14 -48.54 -9.65
CA GLY B 250 -15.48 -47.73 -8.46
C GLY B 250 -16.90 -47.22 -8.49
N LEU B 251 -17.51 -47.10 -7.30
CA LEU B 251 -18.83 -46.53 -7.15
C LEU B 251 -18.63 -45.09 -6.73
N ILE B 252 -19.01 -44.17 -7.61
CA ILE B 252 -18.76 -42.76 -7.40
C ILE B 252 -19.94 -42.16 -6.67
N LEU B 253 -21.15 -42.47 -7.12
CA LEU B 253 -22.35 -41.89 -6.54
C LEU B 253 -23.45 -42.90 -6.55
N PHE B 254 -24.26 -42.93 -5.50
CA PHE B 254 -25.28 -43.96 -5.34
C PHE B 254 -26.32 -43.59 -4.31
N SER B 255 -27.57 -43.83 -4.67
CA SER B 255 -28.68 -43.60 -3.75
C SER B 255 -29.84 -44.43 -4.23
N HIS B 256 -30.67 -44.92 -3.30
CA HIS B 256 -31.84 -45.74 -3.61
C HIS B 256 -33.02 -45.40 -2.70
N GLY B 257 -34.21 -45.77 -3.15
CA GLY B 257 -35.43 -45.57 -2.38
C GLY B 257 -35.86 -46.74 -1.50
N LYS B 258 -37.13 -46.66 -1.10
CA LYS B 258 -37.72 -47.64 -0.25
C LYS B 258 -37.95 -48.84 -1.11
N PRO B 259 -37.87 -50.04 -0.53
CA PRO B 259 -37.94 -51.20 -1.44
C PRO B 259 -39.37 -51.48 -1.88
N ARG B 260 -39.54 -51.85 -3.14
CA ARG B 260 -40.87 -52.07 -3.73
C ARG B 260 -41.20 -53.56 -4.01
N HIS B 261 -40.27 -54.47 -3.75
CA HIS B 261 -40.56 -55.90 -3.80
C HIS B 261 -41.27 -56.33 -2.56
N GLN B 262 -41.72 -57.57 -2.56
CA GLN B 262 -42.42 -58.11 -1.41
C GLN B 262 -41.45 -58.68 -0.35
N LYS B 263 -41.88 -58.70 0.91
CA LYS B 263 -41.06 -59.15 2.02
C LYS B 263 -40.64 -60.61 1.85
N ASP B 264 -41.51 -61.43 1.24
CA ASP B 264 -41.14 -62.83 0.92
C ASP B 264 -40.54 -62.97 -0.47
N ALA B 265 -39.81 -61.93 -0.92
CA ALA B 265 -38.94 -62.01 -2.09
C ALA B 265 -37.59 -62.60 -1.67
N LYS B 266 -37.17 -63.66 -2.35
CA LYS B 266 -35.99 -64.34 -1.96
C LYS B 266 -34.88 -64.39 -3.00
N HIS B 267 -34.98 -63.63 -4.10
CA HIS B 267 -33.86 -63.56 -5.04
C HIS B 267 -33.43 -62.15 -5.33
N PRO B 268 -32.10 -61.88 -5.36
CA PRO B 268 -31.68 -60.49 -5.64
C PRO B 268 -32.16 -59.92 -6.99
N GLN B 269 -32.56 -60.75 -7.97
CA GLN B 269 -33.13 -60.26 -9.21
C GLN B 269 -34.55 -59.75 -9.07
N MET B 270 -35.18 -60.09 -7.94
CA MET B 270 -36.52 -59.61 -7.63
C MET B 270 -36.55 -58.21 -7.04
N ILE B 271 -35.38 -57.68 -6.68
CA ILE B 271 -35.31 -56.39 -5.99
C ILE B 271 -35.83 -55.25 -6.87
N LYS B 272 -36.66 -54.41 -6.28
CA LYS B 272 -37.28 -53.27 -6.98
C LYS B 272 -37.17 -52.05 -6.07
N VAL B 273 -36.42 -51.09 -6.57
CA VAL B 273 -36.11 -49.93 -5.83
C VAL B 273 -35.77 -48.81 -6.81
N ASP B 274 -36.31 -47.63 -6.58
CA ASP B 274 -35.87 -46.45 -7.37
C ASP B 274 -34.46 -46.12 -6.93
N PHE B 275 -33.55 -46.08 -7.87
CA PHE B 275 -32.17 -45.79 -7.55
C PHE B 275 -31.50 -44.99 -8.67
N PHE B 276 -30.41 -44.35 -8.30
CA PHE B 276 -29.55 -43.65 -9.22
C PHE B 276 -28.12 -43.95 -8.84
N ALA B 277 -27.26 -44.13 -9.84
CA ALA B 277 -25.88 -44.40 -9.53
C ALA B 277 -25.00 -43.94 -10.65
N ILE B 278 -23.81 -43.43 -10.29
CA ILE B 278 -22.75 -43.26 -11.28
C ILE B 278 -21.62 -44.14 -10.85
N GLU B 279 -21.22 -45.04 -11.76
CA GLU B 279 -20.19 -46.01 -11.49
C GLU B 279 -19.17 -46.08 -12.61
N MET B 280 -17.97 -46.56 -12.30
CA MET B 280 -16.96 -46.91 -13.29
C MET B 280 -16.73 -48.41 -13.29
N LEU B 281 -16.67 -48.98 -14.48
CA LEU B 281 -16.43 -50.38 -14.68
C LEU B 281 -15.48 -50.54 -15.81
N ASP B 282 -14.34 -51.16 -15.50
CA ASP B 282 -13.37 -51.58 -16.49
C ASP B 282 -12.90 -50.34 -17.28
N GLY B 283 -12.74 -49.25 -16.55
CA GLY B 283 -12.31 -48.00 -17.17
C GLY B 283 -13.40 -47.09 -17.76
N HIS B 284 -14.63 -47.57 -17.90
CA HIS B 284 -15.68 -46.82 -18.57
C HIS B 284 -16.66 -46.29 -17.56
N LEU B 285 -17.17 -45.08 -17.80
CA LEU B 285 -18.06 -44.40 -16.84
C LEU B 285 -19.51 -44.56 -17.29
N TYR B 286 -20.36 -44.99 -16.36
CA TYR B 286 -21.74 -45.36 -16.67
C TYR B 286 -22.67 -44.69 -15.72
N LEU B 287 -23.86 -44.35 -16.23
CA LEU B 287 -24.96 -43.87 -15.41
C LEU B 287 -26.00 -44.96 -15.38
N LEU B 288 -26.55 -45.21 -14.21
CA LEU B 288 -27.58 -46.20 -14.04
C LEU B 288 -28.68 -45.52 -13.29
N LEU B 289 -29.92 -45.76 -13.74
CA LEU B 289 -31.06 -45.10 -13.17
C LEU B 289 -32.29 -45.98 -13.29
N ASP B 290 -33.08 -46.09 -12.21
CA ASP B 290 -34.40 -46.75 -12.24
C ASP B 290 -35.44 -45.90 -11.52
N MET B 291 -36.54 -45.64 -12.21
CA MET B 291 -37.55 -44.67 -11.82
C MET B 291 -38.83 -45.30 -11.26
N GLY B 292 -38.86 -46.63 -11.34
CA GLY B 292 -39.98 -47.45 -10.88
C GLY B 292 -40.40 -48.54 -11.85
N SER B 293 -39.78 -48.65 -13.00
CA SER B 293 -40.36 -49.48 -14.05
C SER B 293 -39.27 -50.12 -14.94
N GLY B 294 -38.10 -50.31 -14.39
CA GLY B 294 -36.93 -50.66 -15.18
C GLY B 294 -35.73 -49.73 -15.06
N THR B 295 -34.56 -50.34 -15.25
CA THR B 295 -33.30 -49.74 -15.03
C THR B 295 -32.67 -49.45 -16.36
N ILE B 296 -32.27 -48.22 -16.61
CA ILE B 296 -31.57 -47.88 -17.84
C ILE B 296 -30.11 -47.64 -17.47
N LYS B 297 -29.20 -48.03 -18.36
CA LYS B 297 -27.77 -47.92 -18.13
C LYS B 297 -27.04 -47.35 -19.36
N ILE B 298 -26.18 -46.37 -19.15
CA ILE B 298 -25.67 -45.53 -20.22
C ILE B 298 -24.18 -45.32 -20.02
N LYS B 299 -23.44 -45.68 -21.04
CA LYS B 299 -22.02 -45.47 -21.09
C LYS B 299 -21.83 -44.01 -21.42
N ALA B 300 -21.48 -43.23 -20.41
CA ALA B 300 -21.47 -41.78 -20.54
C ALA B 300 -20.45 -41.29 -21.57
N LEU B 301 -19.42 -42.08 -21.82
CA LEU B 301 -18.38 -41.76 -22.78
C LEU B 301 -17.75 -43.04 -23.35
N GLN B 302 -17.37 -43.01 -24.62
CA GLN B 302 -16.89 -44.24 -25.26
C GLN B 302 -15.50 -44.58 -24.74
N LYS B 303 -14.67 -43.57 -24.56
CA LYS B 303 -13.29 -43.78 -24.17
C LYS B 303 -13.21 -44.19 -22.70
N LYS B 304 -12.14 -44.90 -22.34
CA LYS B 304 -11.83 -45.14 -20.92
C LYS B 304 -11.38 -43.84 -20.26
N VAL B 305 -11.79 -43.60 -19.04
CA VAL B 305 -11.49 -42.33 -18.38
C VAL B 305 -10.68 -42.47 -17.12
N ASN B 306 -9.98 -43.58 -16.96
CA ASN B 306 -9.15 -43.81 -15.76
C ASN B 306 -7.69 -43.56 -16.09
N ASP B 307 -7.39 -42.38 -16.64
CA ASP B 307 -6.05 -42.03 -17.12
C ASP B 307 -5.39 -40.99 -16.26
N GLY B 308 -6.02 -40.71 -15.11
CA GLY B 308 -5.51 -39.72 -14.16
C GLY B 308 -5.78 -38.28 -14.55
N GLU B 309 -6.47 -38.03 -15.66
CA GLU B 309 -6.83 -36.69 -16.03
C GLU B 309 -8.12 -36.28 -15.37
N TRP B 310 -8.40 -34.98 -15.28
CA TRP B 310 -9.70 -34.51 -14.80
C TRP B 310 -10.79 -34.59 -15.90
N TYR B 311 -11.99 -34.96 -15.44
CA TYR B 311 -13.17 -34.96 -16.24
C TYR B 311 -14.25 -34.22 -15.49
N HIS B 312 -15.12 -33.52 -16.25
CA HIS B 312 -16.28 -32.88 -15.70
C HIS B 312 -17.48 -33.72 -16.03
N VAL B 313 -18.34 -33.89 -15.03
CA VAL B 313 -19.53 -34.70 -15.14
C VAL B 313 -20.71 -33.83 -14.83
N ASP B 314 -21.71 -33.82 -15.72
CA ASP B 314 -22.94 -33.04 -15.53
C ASP B 314 -24.13 -33.93 -15.79
N PHE B 315 -25.06 -33.97 -14.86
CA PHE B 315 -26.23 -34.82 -14.98
C PHE B 315 -27.48 -33.96 -14.78
N GLN B 316 -28.40 -34.01 -15.75
CA GLN B 316 -29.64 -33.23 -15.72
C GLN B 316 -30.80 -34.15 -15.89
N ARG B 317 -31.85 -33.95 -15.11
CA ARG B 317 -33.01 -34.81 -15.19
C ARG B 317 -34.28 -34.02 -14.93
N ASP B 318 -35.19 -34.05 -15.87
CA ASP B 318 -36.57 -33.62 -15.60
C ASP B 318 -37.46 -34.75 -15.94
N GLY B 319 -38.22 -35.20 -14.95
CA GLY B 319 -39.04 -36.42 -15.10
C GLY B 319 -38.19 -37.61 -15.40
N ARG B 320 -38.53 -38.30 -16.47
CA ARG B 320 -37.83 -39.53 -16.81
C ARG B 320 -36.80 -39.32 -17.88
N SER B 321 -36.66 -38.08 -18.36
CA SER B 321 -35.68 -37.81 -19.37
C SER B 321 -34.61 -36.88 -18.86
N GLY B 322 -33.46 -36.93 -19.52
CA GLY B 322 -32.43 -35.93 -19.29
C GLY B 322 -31.16 -36.19 -20.08
N THR B 323 -30.06 -35.76 -19.53
CA THR B 323 -28.76 -35.89 -20.16
C THR B 323 -27.68 -36.20 -19.14
N ILE B 324 -26.61 -36.81 -19.62
CA ILE B 324 -25.38 -36.96 -18.88
C ILE B 324 -24.27 -36.52 -19.81
N SER B 325 -23.52 -35.51 -19.38
CA SER B 325 -22.35 -35.03 -20.10
C SER B 325 -21.08 -35.44 -19.38
N VAL B 326 -20.08 -35.83 -20.16
CA VAL B 326 -18.70 -35.89 -19.70
C VAL B 326 -17.84 -35.04 -20.59
N ASN B 327 -17.11 -34.15 -19.96
CA ASN B 327 -16.39 -33.08 -20.67
C ASN B 327 -17.36 -32.29 -21.53
N THR B 328 -17.30 -32.36 -22.85
CA THR B 328 -18.37 -31.74 -23.65
C THR B 328 -19.19 -32.70 -24.49
N LEU B 329 -18.93 -34.00 -24.39
CA LEU B 329 -19.78 -35.00 -25.05
C LEU B 329 -20.99 -35.27 -24.18
N ARG B 330 -22.19 -35.07 -24.74
CA ARG B 330 -23.42 -35.21 -23.97
C ARG B 330 -24.31 -36.28 -24.54
N THR B 331 -25.05 -36.98 -23.70
CA THR B 331 -25.82 -38.12 -24.13
C THR B 331 -27.19 -38.02 -23.53
N PRO B 332 -28.23 -38.09 -24.36
CA PRO B 332 -29.60 -38.10 -23.88
C PRO B 332 -30.11 -39.48 -23.44
N TYR B 333 -31.10 -39.48 -22.57
CA TYR B 333 -31.61 -40.70 -22.01
C TYR B 333 -33.04 -40.51 -21.61
N THR B 334 -33.80 -41.60 -21.71
CA THR B 334 -35.19 -41.67 -21.33
C THR B 334 -35.41 -42.97 -20.58
N ALA B 335 -35.95 -42.88 -19.37
CA ALA B 335 -36.16 -44.09 -18.58
C ALA B 335 -37.51 -44.70 -18.90
N PRO B 336 -37.60 -46.02 -18.78
CA PRO B 336 -38.84 -46.68 -19.03
C PRO B 336 -39.83 -46.39 -17.94
N GLY B 337 -41.10 -46.57 -18.26
CA GLY B 337 -42.15 -46.51 -17.28
C GLY B 337 -42.93 -45.24 -17.39
N GLU B 338 -43.96 -45.15 -16.57
CA GLU B 338 -44.75 -43.95 -16.50
C GLU B 338 -44.58 -43.19 -15.18
N SER B 339 -43.69 -43.63 -14.32
CA SER B 339 -43.28 -42.78 -13.20
C SER B 339 -42.25 -41.75 -13.61
N GLU B 340 -42.50 -40.50 -13.20
CA GLU B 340 -41.62 -39.39 -13.46
C GLU B 340 -40.87 -38.90 -12.24
N ILE B 341 -40.78 -39.74 -11.21
CA ILE B 341 -40.27 -39.36 -9.93
C ILE B 341 -39.17 -40.33 -9.55
N LEU B 342 -37.98 -39.81 -9.31
CA LEU B 342 -36.89 -40.57 -8.75
C LEU B 342 -37.04 -40.47 -7.25
N ASP B 343 -37.73 -41.45 -6.71
CA ASP B 343 -38.20 -41.41 -5.35
C ASP B 343 -37.11 -41.88 -4.39
N LEU B 344 -36.08 -41.05 -4.26
CA LEU B 344 -34.95 -41.39 -3.41
C LEU B 344 -35.28 -41.17 -1.98
N ASP B 345 -34.69 -42.01 -1.13
CA ASP B 345 -34.99 -41.94 0.29
C ASP B 345 -33.68 -41.89 1.05
N ASP B 346 -33.70 -41.30 2.24
CA ASP B 346 -32.53 -41.25 3.09
C ASP B 346 -31.27 -40.73 2.33
N GLU B 347 -30.14 -41.45 2.40
CA GLU B 347 -28.82 -40.86 2.12
C GLU B 347 -28.35 -40.92 0.67
N LEU B 348 -27.37 -40.11 0.30
CA LEU B 348 -26.68 -40.19 -0.99
C LEU B 348 -25.16 -40.36 -0.77
N TYR B 349 -24.59 -41.45 -1.28
CA TYR B 349 -23.20 -41.83 -0.97
C TYR B 349 -22.25 -41.41 -2.08
N LEU B 350 -21.13 -40.81 -1.67
CA LEU B 350 -20.08 -40.42 -2.59
C LEU B 350 -18.86 -41.24 -2.26
N GLY B 351 -18.40 -42.03 -3.21
CA GLY B 351 -17.10 -42.66 -3.15
C GLY B 351 -17.14 -44.13 -2.77
N GLY B 352 -18.33 -44.65 -2.46
CA GLY B 352 -18.50 -46.04 -2.03
C GLY B 352 -19.73 -46.16 -1.17
N LEU B 353 -19.76 -47.21 -0.35
CA LEU B 353 -20.94 -47.54 0.44
C LEU B 353 -20.59 -47.79 1.90
N PRO B 354 -21.57 -47.62 2.81
CA PRO B 354 -21.35 -48.03 4.21
C PRO B 354 -21.30 -49.56 4.38
N GLU B 355 -20.48 -50.02 5.35
CA GLU B 355 -20.27 -51.46 5.60
C GLU B 355 -21.45 -52.11 6.33
N ASN B 356 -22.01 -51.43 7.35
CA ASN B 356 -23.14 -51.99 8.11
C ASN B 356 -24.41 -51.12 8.14
N LYS B 357 -24.90 -50.68 7.00
CA LYS B 357 -26.06 -49.75 7.01
C LYS B 357 -27.37 -50.53 6.94
N ALA B 358 -28.28 -50.15 7.84
CA ALA B 358 -29.56 -50.84 7.97
C ALA B 358 -30.40 -50.51 6.73
N GLY B 359 -31.05 -51.51 6.13
CA GLY B 359 -31.96 -51.23 5.02
C GLY B 359 -31.28 -50.61 3.80
N LEU B 360 -30.03 -50.94 3.59
CA LEU B 360 -29.37 -50.67 2.35
C LEU B 360 -29.66 -51.78 1.32
N VAL B 361 -30.03 -51.35 0.13
CA VAL B 361 -30.44 -52.23 -0.93
C VAL B 361 -29.42 -52.17 -2.06
N PHE B 362 -29.12 -53.32 -2.65
CA PHE B 362 -28.12 -53.45 -3.71
C PHE B 362 -28.89 -53.94 -4.97
N PRO B 363 -29.18 -53.03 -5.88
CA PRO B 363 -29.74 -53.48 -7.13
C PRO B 363 -28.82 -54.40 -7.89
N THR B 364 -29.40 -55.22 -8.71
CA THR B 364 -28.65 -56.29 -9.30
C THR B 364 -27.82 -55.73 -10.47
N GLU B 365 -28.23 -54.59 -11.01
CA GLU B 365 -27.55 -53.96 -12.17
C GLU B 365 -26.26 -53.19 -11.81
N VAL B 366 -26.07 -52.89 -10.52
CA VAL B 366 -24.90 -52.13 -10.07
C VAL B 366 -23.78 -53.08 -9.67
N TRP B 367 -22.97 -53.55 -10.62
CA TRP B 367 -21.94 -54.57 -10.31
C TRP B 367 -20.91 -54.02 -9.40
N THR B 368 -20.72 -52.73 -9.46
CA THR B 368 -19.85 -52.04 -8.54
C THR B 368 -20.24 -52.22 -7.09
N ALA B 369 -21.54 -52.18 -6.79
CA ALA B 369 -21.98 -52.40 -5.43
C ALA B 369 -22.03 -53.88 -5.10
N LEU B 370 -22.37 -54.71 -6.08
CA LEU B 370 -22.36 -56.17 -5.88
C LEU B 370 -20.98 -56.71 -5.54
N LEU B 371 -19.92 -56.12 -6.09
CA LEU B 371 -18.59 -56.61 -5.87
C LEU B 371 -17.84 -55.73 -4.88
N ASN B 372 -18.55 -54.81 -4.24
CA ASN B 372 -17.97 -53.92 -3.23
C ASN B 372 -16.78 -53.14 -3.77
N TYR B 373 -16.78 -52.86 -5.08
CA TYR B 373 -15.75 -51.97 -5.63
C TYR B 373 -16.07 -50.54 -5.14
N GLY B 374 -15.21 -49.95 -4.34
CA GLY B 374 -15.43 -48.59 -3.90
C GLY B 374 -14.50 -47.68 -4.68
N TYR B 375 -14.86 -46.41 -4.75
CA TYR B 375 -14.09 -45.45 -5.54
C TYR B 375 -12.78 -45.20 -4.83
N VAL B 376 -11.72 -45.06 -5.63
CA VAL B 376 -10.51 -44.42 -5.18
C VAL B 376 -10.06 -43.38 -6.23
N GLY B 377 -9.86 -42.14 -5.78
CA GLY B 377 -9.50 -41.04 -6.64
C GLY B 377 -9.89 -39.73 -5.99
N CYS B 378 -9.91 -38.66 -6.78
CA CYS B 378 -10.31 -37.36 -6.30
C CYS B 378 -11.66 -36.98 -6.86
N ILE B 379 -12.48 -36.37 -6.01
CA ILE B 379 -13.63 -35.63 -6.44
C ILE B 379 -13.44 -34.17 -6.06
N ARG B 380 -13.91 -33.25 -6.89
CA ARG B 380 -13.90 -31.83 -6.55
C ARG B 380 -15.06 -31.06 -7.14
N ASP B 381 -15.41 -30.00 -6.43
CA ASP B 381 -16.37 -29.03 -6.87
C ASP B 381 -17.70 -29.66 -7.23
N LEU B 382 -18.36 -30.22 -6.22
CA LEU B 382 -19.63 -30.90 -6.41
C LEU B 382 -20.78 -29.95 -6.27
N PHE B 383 -21.75 -30.09 -7.16
CA PHE B 383 -22.94 -29.25 -7.18
C PHE B 383 -24.16 -30.17 -7.14
N ILE B 384 -25.14 -29.85 -6.30
CA ILE B 384 -26.42 -30.52 -6.33
C ILE B 384 -27.49 -29.48 -6.57
N ASP B 385 -28.33 -29.69 -7.56
CA ASP B 385 -29.45 -28.78 -7.89
C ASP B 385 -28.99 -27.35 -8.08
N GLY B 386 -27.83 -27.20 -8.75
CA GLY B 386 -27.18 -25.92 -8.93
C GLY B 386 -26.60 -25.20 -7.71
N GLN B 387 -26.63 -25.81 -6.53
CA GLN B 387 -26.12 -25.18 -5.31
C GLN B 387 -24.81 -25.88 -4.92
N SER B 388 -23.74 -25.11 -4.75
CA SER B 388 -22.42 -25.67 -4.47
C SER B 388 -22.39 -26.34 -3.11
N LYS B 389 -21.63 -27.43 -2.98
CA LYS B 389 -21.58 -28.21 -1.75
C LYS B 389 -20.15 -28.34 -1.26
N ASP B 390 -19.88 -27.87 -0.04
CA ASP B 390 -18.54 -27.90 0.55
C ASP B 390 -18.28 -29.26 1.16
N ILE B 391 -17.76 -30.15 0.34
CA ILE B 391 -17.47 -31.50 0.77
C ILE B 391 -16.39 -31.59 1.85
N ARG B 392 -15.40 -30.68 1.88
CA ARG B 392 -14.31 -30.74 2.90
C ARG B 392 -14.91 -30.67 4.31
N GLN B 393 -15.87 -29.77 4.50
CA GLN B 393 -16.60 -29.65 5.74
C GLN B 393 -17.27 -31.02 6.07
N MET B 394 -17.77 -31.73 5.06
CA MET B 394 -18.32 -33.08 5.23
C MET B 394 -17.25 -34.15 5.57
N ALA B 395 -16.10 -34.13 4.89
CA ALA B 395 -15.05 -35.15 5.13
C ALA B 395 -14.47 -35.05 6.54
N GLU B 396 -14.09 -33.84 6.95
CA GLU B 396 -13.50 -33.64 8.28
C GLU B 396 -14.54 -33.92 9.37
N VAL B 397 -15.77 -33.43 9.15
CA VAL B 397 -16.84 -33.54 10.15
C VAL B 397 -17.37 -34.98 10.27
N GLN B 398 -17.21 -35.78 9.21
CA GLN B 398 -17.74 -37.15 9.22
C GLN B 398 -16.69 -38.25 9.00
N SER B 399 -16.07 -38.69 10.10
CA SER B 399 -15.32 -39.97 10.15
C SER B 399 -14.05 -40.05 9.26
N THR B 400 -13.47 -38.88 8.94
CA THR B 400 -12.29 -38.78 8.01
C THR B 400 -12.43 -39.61 6.71
N ALA B 401 -13.60 -39.48 6.07
CA ALA B 401 -13.92 -40.20 4.84
C ALA B 401 -14.01 -41.71 5.05
N GLY B 402 -14.56 -42.14 6.19
CA GLY B 402 -14.81 -43.55 6.49
C GLY B 402 -16.30 -43.83 6.69
#